data_3FT9
# 
_entry.id   3FT9 
# 
_audit_conform.dict_name       mmcif_pdbx.dic 
_audit_conform.dict_version    5.392 
_audit_conform.dict_location   http://mmcif.pdb.org/dictionaries/ascii/mmcif_pdbx.dic 
# 
loop_
_database_2.database_id 
_database_2.database_code 
_database_2.pdbx_database_accession 
_database_2.pdbx_DOI 
PDB   3FT9         pdb_00003ft9 10.2210/pdb3ft9/pdb 
RCSB  RCSB051014   ?            ?                   
WWPDB D_1000051014 ?            ?                   
# 
loop_
_pdbx_audit_revision_history.ordinal 
_pdbx_audit_revision_history.data_content_type 
_pdbx_audit_revision_history.major_revision 
_pdbx_audit_revision_history.minor_revision 
_pdbx_audit_revision_history.revision_date 
1 'Structure model' 1 0 2010-01-26 
2 'Structure model' 1 1 2011-07-13 
3 'Structure model' 1 2 2023-04-12 
4 'Structure model' 1 3 2024-05-22 
# 
_pdbx_audit_revision_details.ordinal             1 
_pdbx_audit_revision_details.revision_ordinal    1 
_pdbx_audit_revision_details.data_content_type   'Structure model' 
_pdbx_audit_revision_details.provider            repository 
_pdbx_audit_revision_details.type                'Initial release' 
_pdbx_audit_revision_details.description         ? 
_pdbx_audit_revision_details.details             ? 
# 
loop_
_pdbx_audit_revision_group.ordinal 
_pdbx_audit_revision_group.revision_ordinal 
_pdbx_audit_revision_group.data_content_type 
_pdbx_audit_revision_group.group 
1 2 'Structure model' 'Version format compliance' 
2 3 'Structure model' 'Database references'       
3 4 'Structure model' 'Data collection'           
# 
loop_
_pdbx_audit_revision_category.ordinal 
_pdbx_audit_revision_category.revision_ordinal 
_pdbx_audit_revision_category.data_content_type 
_pdbx_audit_revision_category.category 
1 3 'Structure model' citation           
2 3 'Structure model' citation_author    
3 3 'Structure model' database_2         
4 3 'Structure model' struct_ref_seq_dif 
5 4 'Structure model' chem_comp_atom     
6 4 'Structure model' chem_comp_bond     
# 
loop_
_pdbx_audit_revision_item.ordinal 
_pdbx_audit_revision_item.revision_ordinal 
_pdbx_audit_revision_item.data_content_type 
_pdbx_audit_revision_item.item 
1  3 'Structure model' '_citation.country'                   
2  3 'Structure model' '_citation.journal_abbrev'            
3  3 'Structure model' '_citation.journal_id_CSD'            
4  3 'Structure model' '_citation.journal_id_ISSN'           
5  3 'Structure model' '_citation.journal_volume'            
6  3 'Structure model' '_citation.page_first'                
7  3 'Structure model' '_citation.page_last'                 
8  3 'Structure model' '_citation.pdbx_database_id_DOI'      
9  3 'Structure model' '_citation.pdbx_database_id_PubMed'   
10 3 'Structure model' '_citation.title'                     
11 3 'Structure model' '_citation.year'                      
12 3 'Structure model' '_database_2.pdbx_DOI'                
13 3 'Structure model' '_database_2.pdbx_database_accession' 
14 3 'Structure model' '_struct_ref_seq_dif.details'         
# 
_pdbx_database_status.status_code                     REL 
_pdbx_database_status.entry_id                        3FT9 
_pdbx_database_status.recvd_initial_deposition_date   2009-01-12 
_pdbx_database_status.deposit_site                    RCSB 
_pdbx_database_status.process_site                    RCSB 
_pdbx_database_status.status_code_sf                  REL 
_pdbx_database_status.status_code_mr                  ? 
_pdbx_database_status.SG_entry                        ? 
_pdbx_database_status.pdb_format_compatible           Y 
_pdbx_database_status.status_code_cs                  ? 
_pdbx_database_status.status_code_nmr_data            ? 
_pdbx_database_status.methods_development_category    ? 
# 
loop_
_audit_author.name 
_audit_author.pdbx_ordinal 
'Keller, W.'         1 
'Devanaboyina, S.C.' 2 
# 
_citation.id                        primary 
_citation.title                     
'High-resolution crystal structure and IgE recognition of the major grass pollen allergen Phl p 3.' 
_citation.journal_abbrev            Allergy 
_citation.journal_volume            69 
_citation.page_first                1617 
_citation.page_last                 1628 
_citation.year                      2014 
_citation.journal_id_ASTM           ? 
_citation.country                   DK 
_citation.journal_id_ISSN           1398-9995 
_citation.journal_id_CSD            ? 
_citation.book_publisher            ? 
_citation.pdbx_database_id_PubMed   25123586 
_citation.pdbx_database_id_DOI      10.1111/all.12511 
# 
loop_
_citation_author.citation_id 
_citation_author.name 
_citation_author.ordinal 
_citation_author.identifier_ORCID 
primary 'Devanaboyina, S.C.' 1  ? 
primary 'Cornelius, C.'      2  ? 
primary 'Lupinek, C.'        3  ? 
primary 'Fauland, K.'        4  ? 
primary 
;Dall'Antonia, F.
;
5  ? 
primary 'Nandy, A.'          6  ? 
primary 'Hagen, S.'          7  ? 
primary 'Flicker, S.'        8  ? 
primary 'Valenta, R.'        9  ? 
primary 'Keller, W.'         10 ? 
# 
loop_
_entity.id 
_entity.type 
_entity.src_method 
_entity.pdbx_description 
_entity.formula_weight 
_entity.pdbx_number_of_molecules 
_entity.pdbx_ec 
_entity.pdbx_mutation 
_entity.pdbx_fragment 
_entity.details 
1 polymer man 'Phl p 3 allergen' 11378.952 1  ? ? ? ? 
2 water   nat water              18.015    81 ? ? ? ? 
# 
_entity_poly.entity_id                      1 
_entity_poly.type                           'polypeptide(L)' 
_entity_poly.nstd_linkage                   no 
_entity_poly.nstd_monomer                   no 
_entity_poly.pdbx_seq_one_letter_code       
;AVQVTFTVQKGSDPKKLVLDIKYTRPGDSLAEVELRQHGSEEWEPLTKKGNVWEVKSSKPLVGPFNFRFMSKGGMRNVFD
EVIPTAFSIGKTYKPEEQEF
;
_entity_poly.pdbx_seq_one_letter_code_can   
;AVQVTFTVQKGSDPKKLVLDIKYTRPGDSLAEVELRQHGSEEWEPLTKKGNVWEVKSSKPLVGPFNFRFMSKGGMRNVFD
EVIPTAFSIGKTYKPEEQEF
;
_entity_poly.pdbx_strand_id                 A 
_entity_poly.pdbx_target_identifier         ? 
# 
_pdbx_entity_nonpoly.entity_id   2 
_pdbx_entity_nonpoly.name        water 
_pdbx_entity_nonpoly.comp_id     HOH 
# 
loop_
_entity_poly_seq.entity_id 
_entity_poly_seq.num 
_entity_poly_seq.mon_id 
_entity_poly_seq.hetero 
1 1   ALA n 
1 2   VAL n 
1 3   GLN n 
1 4   VAL n 
1 5   THR n 
1 6   PHE n 
1 7   THR n 
1 8   VAL n 
1 9   GLN n 
1 10  LYS n 
1 11  GLY n 
1 12  SER n 
1 13  ASP n 
1 14  PRO n 
1 15  LYS n 
1 16  LYS n 
1 17  LEU n 
1 18  VAL n 
1 19  LEU n 
1 20  ASP n 
1 21  ILE n 
1 22  LYS n 
1 23  TYR n 
1 24  THR n 
1 25  ARG n 
1 26  PRO n 
1 27  GLY n 
1 28  ASP n 
1 29  SER n 
1 30  LEU n 
1 31  ALA n 
1 32  GLU n 
1 33  VAL n 
1 34  GLU n 
1 35  LEU n 
1 36  ARG n 
1 37  GLN n 
1 38  HIS n 
1 39  GLY n 
1 40  SER n 
1 41  GLU n 
1 42  GLU n 
1 43  TRP n 
1 44  GLU n 
1 45  PRO n 
1 46  LEU n 
1 47  THR n 
1 48  LYS n 
1 49  LYS n 
1 50  GLY n 
1 51  ASN n 
1 52  VAL n 
1 53  TRP n 
1 54  GLU n 
1 55  VAL n 
1 56  LYS n 
1 57  SER n 
1 58  SER n 
1 59  LYS n 
1 60  PRO n 
1 61  LEU n 
1 62  VAL n 
1 63  GLY n 
1 64  PRO n 
1 65  PHE n 
1 66  ASN n 
1 67  PHE n 
1 68  ARG n 
1 69  PHE n 
1 70  MET n 
1 71  SER n 
1 72  LYS n 
1 73  GLY n 
1 74  GLY n 
1 75  MET n 
1 76  ARG n 
1 77  ASN n 
1 78  VAL n 
1 79  PHE n 
1 80  ASP n 
1 81  GLU n 
1 82  VAL n 
1 83  ILE n 
1 84  PRO n 
1 85  THR n 
1 86  ALA n 
1 87  PHE n 
1 88  SER n 
1 89  ILE n 
1 90  GLY n 
1 91  LYS n 
1 92  THR n 
1 93  TYR n 
1 94  LYS n 
1 95  PRO n 
1 96  GLU n 
1 97  GLU n 
1 98  GLN n 
1 99  GLU n 
1 100 PHE n 
# 
_entity_src_gen.entity_id                          1 
_entity_src_gen.pdbx_src_id                        1 
_entity_src_gen.pdbx_alt_source_flag               sample 
_entity_src_gen.pdbx_seq_type                      ? 
_entity_src_gen.pdbx_beg_seq_num                   ? 
_entity_src_gen.pdbx_end_seq_num                   ? 
_entity_src_gen.gene_src_common_name               timothy 
_entity_src_gen.gene_src_genus                     ? 
_entity_src_gen.pdbx_gene_src_gene                 ? 
_entity_src_gen.gene_src_species                   ? 
_entity_src_gen.gene_src_strain                    ? 
_entity_src_gen.gene_src_tissue                    ? 
_entity_src_gen.gene_src_tissue_fraction           ? 
_entity_src_gen.gene_src_details                   ? 
_entity_src_gen.pdbx_gene_src_fragment             ? 
_entity_src_gen.pdbx_gene_src_scientific_name      'Phleum pratense' 
_entity_src_gen.pdbx_gene_src_ncbi_taxonomy_id     15957 
_entity_src_gen.pdbx_gene_src_variant              ? 
_entity_src_gen.pdbx_gene_src_cell_line            ? 
_entity_src_gen.pdbx_gene_src_atcc                 ? 
_entity_src_gen.pdbx_gene_src_organ                ? 
_entity_src_gen.pdbx_gene_src_organelle            ? 
_entity_src_gen.pdbx_gene_src_cell                 ? 
_entity_src_gen.pdbx_gene_src_cellular_location    ? 
_entity_src_gen.host_org_common_name               ? 
_entity_src_gen.pdbx_host_org_scientific_name      'Escherichia coli' 
_entity_src_gen.pdbx_host_org_ncbi_taxonomy_id     562 
_entity_src_gen.host_org_genus                     ? 
_entity_src_gen.pdbx_host_org_gene                 ? 
_entity_src_gen.pdbx_host_org_organ                ? 
_entity_src_gen.host_org_species                   ? 
_entity_src_gen.pdbx_host_org_tissue               ? 
_entity_src_gen.pdbx_host_org_tissue_fraction      ? 
_entity_src_gen.pdbx_host_org_strain               ? 
_entity_src_gen.pdbx_host_org_variant              ? 
_entity_src_gen.pdbx_host_org_cell_line            ? 
_entity_src_gen.pdbx_host_org_atcc                 ? 
_entity_src_gen.pdbx_host_org_culture_collection   ? 
_entity_src_gen.pdbx_host_org_cell                 ? 
_entity_src_gen.pdbx_host_org_organelle            ? 
_entity_src_gen.pdbx_host_org_cellular_location    ? 
_entity_src_gen.pdbx_host_org_vector_type          ? 
_entity_src_gen.pdbx_host_org_vector               ? 
_entity_src_gen.host_org_details                   ? 
_entity_src_gen.expression_system_id               ? 
_entity_src_gen.plasmid_name                       ? 
_entity_src_gen.plasmid_details                    ? 
_entity_src_gen.pdbx_description                   ? 
# 
loop_
_chem_comp.id 
_chem_comp.type 
_chem_comp.mon_nstd_flag 
_chem_comp.name 
_chem_comp.pdbx_synonyms 
_chem_comp.formula 
_chem_comp.formula_weight 
ALA 'L-peptide linking' y ALANINE         ? 'C3 H7 N O2'     89.093  
ARG 'L-peptide linking' y ARGININE        ? 'C6 H15 N4 O2 1' 175.209 
ASN 'L-peptide linking' y ASPARAGINE      ? 'C4 H8 N2 O3'    132.118 
ASP 'L-peptide linking' y 'ASPARTIC ACID' ? 'C4 H7 N O4'     133.103 
GLN 'L-peptide linking' y GLUTAMINE       ? 'C5 H10 N2 O3'   146.144 
GLU 'L-peptide linking' y 'GLUTAMIC ACID' ? 'C5 H9 N O4'     147.129 
GLY 'peptide linking'   y GLYCINE         ? 'C2 H5 N O2'     75.067  
HIS 'L-peptide linking' y HISTIDINE       ? 'C6 H10 N3 O2 1' 156.162 
HOH non-polymer         . WATER           ? 'H2 O'           18.015  
ILE 'L-peptide linking' y ISOLEUCINE      ? 'C6 H13 N O2'    131.173 
LEU 'L-peptide linking' y LEUCINE         ? 'C6 H13 N O2'    131.173 
LYS 'L-peptide linking' y LYSINE          ? 'C6 H15 N2 O2 1' 147.195 
MET 'L-peptide linking' y METHIONINE      ? 'C5 H11 N O2 S'  149.211 
PHE 'L-peptide linking' y PHENYLALANINE   ? 'C9 H11 N O2'    165.189 
PRO 'L-peptide linking' y PROLINE         ? 'C5 H9 N O2'     115.130 
SER 'L-peptide linking' y SERINE          ? 'C3 H7 N O3'     105.093 
THR 'L-peptide linking' y THREONINE       ? 'C4 H9 N O3'     119.119 
TRP 'L-peptide linking' y TRYPTOPHAN      ? 'C11 H12 N2 O2'  204.225 
TYR 'L-peptide linking' y TYROSINE        ? 'C9 H11 N O3'    181.189 
VAL 'L-peptide linking' y VALINE          ? 'C5 H11 N O2'    117.146 
# 
loop_
_pdbx_poly_seq_scheme.asym_id 
_pdbx_poly_seq_scheme.entity_id 
_pdbx_poly_seq_scheme.seq_id 
_pdbx_poly_seq_scheme.mon_id 
_pdbx_poly_seq_scheme.ndb_seq_num 
_pdbx_poly_seq_scheme.pdb_seq_num 
_pdbx_poly_seq_scheme.auth_seq_num 
_pdbx_poly_seq_scheme.pdb_mon_id 
_pdbx_poly_seq_scheme.auth_mon_id 
_pdbx_poly_seq_scheme.pdb_strand_id 
_pdbx_poly_seq_scheme.pdb_ins_code 
_pdbx_poly_seq_scheme.hetero 
A 1 1   ALA 1   1   ?  ?   ?   A . n 
A 1 2   VAL 2   2   2  VAL VAL A . n 
A 1 3   GLN 3   3   3  GLN GLN A . n 
A 1 4   VAL 4   4   4  VAL VAL A . n 
A 1 5   THR 5   5   5  THR THR A . n 
A 1 6   PHE 6   6   6  PHE PHE A . n 
A 1 7   THR 7   7   7  THR THR A . n 
A 1 8   VAL 8   8   8  VAL VAL A . n 
A 1 9   GLN 9   9   9  GLN GLN A . n 
A 1 10  LYS 10  10  10 LYS LYS A . n 
A 1 11  GLY 11  11  11 GLY GLY A . n 
A 1 12  SER 12  12  12 SER SER A . n 
A 1 13  ASP 13  13  13 ASP ASP A . n 
A 1 14  PRO 14  14  14 PRO PRO A . n 
A 1 15  LYS 15  15  15 LYS LYS A . n 
A 1 16  LYS 16  16  16 LYS LYS A . n 
A 1 17  LEU 17  17  17 LEU LEU A . n 
A 1 18  VAL 18  18  18 VAL VAL A . n 
A 1 19  LEU 19  19  19 LEU LEU A . n 
A 1 20  ASP 20  20  20 ASP ASP A . n 
A 1 21  ILE 21  21  21 ILE ILE A . n 
A 1 22  LYS 22  22  22 LYS LYS A . n 
A 1 23  TYR 23  23  23 TYR TYR A . n 
A 1 24  THR 24  24  24 THR THR A . n 
A 1 25  ARG 25  25  25 ARG ARG A . n 
A 1 26  PRO 26  26  26 PRO PRO A . n 
A 1 27  GLY 27  27  27 GLY GLY A . n 
A 1 28  ASP 28  28  28 ASP ASP A . n 
A 1 29  SER 29  29  29 SER SER A . n 
A 1 30  LEU 30  30  30 LEU LEU A . n 
A 1 31  ALA 31  31  31 ALA ALA A . n 
A 1 32  GLU 32  32  32 GLU GLU A . n 
A 1 33  VAL 33  33  33 VAL VAL A . n 
A 1 34  GLU 34  34  34 GLU GLU A . n 
A 1 35  LEU 35  35  35 LEU LEU A . n 
A 1 36  ARG 36  36  36 ARG ARG A . n 
A 1 37  GLN 37  37  37 GLN GLN A . n 
A 1 38  HIS 38  38  38 HIS HIS A . n 
A 1 39  GLY 39  39  39 GLY GLY A . n 
A 1 40  SER 40  40  40 SER SER A . n 
A 1 41  GLU 41  41  41 GLU GLU A . n 
A 1 42  GLU 42  42  42 GLU GLU A . n 
A 1 43  TRP 43  43  43 TRP TRP A . n 
A 1 44  GLU 44  44  44 GLU GLU A . n 
A 1 45  PRO 45  45  45 PRO PRO A . n 
A 1 46  LEU 46  46  46 LEU LEU A . n 
A 1 47  THR 47  47  47 THR THR A . n 
A 1 48  LYS 48  48  48 LYS LYS A . n 
A 1 49  LYS 49  49  49 LYS LYS A . n 
A 1 50  GLY 50  50  50 GLY GLY A . n 
A 1 51  ASN 51  51  51 ASN ASN A . n 
A 1 52  VAL 52  52  52 VAL VAL A . n 
A 1 53  TRP 53  53  53 TRP TRP A . n 
A 1 54  GLU 54  54  54 GLU GLU A . n 
A 1 55  VAL 55  55  55 VAL VAL A . n 
A 1 56  LYS 56  56  56 LYS LYS A . n 
A 1 57  SER 57  57  57 SER SER A . n 
A 1 58  SER 58  58  58 SER SER A . n 
A 1 59  LYS 59  59  59 LYS LYS A . n 
A 1 60  PRO 60  60  60 PRO PRO A . n 
A 1 61  LEU 61  61  61 LEU LEU A . n 
A 1 62  VAL 62  62  62 VAL VAL A . n 
A 1 63  GLY 63  63  63 GLY GLY A . n 
A 1 64  PRO 64  64  64 PRO PRO A . n 
A 1 65  PHE 65  65  65 PHE PHE A . n 
A 1 66  ASN 66  66  66 ASN ASN A . n 
A 1 67  PHE 67  67  67 PHE PHE A . n 
A 1 68  ARG 68  68  68 ARG ARG A . n 
A 1 69  PHE 69  69  69 PHE PHE A . n 
A 1 70  MET 70  70  70 MET MET A . n 
A 1 71  SER 71  71  71 SER SER A . n 
A 1 72  LYS 72  72  72 LYS LYS A . n 
A 1 73  GLY 73  73  73 GLY GLY A . n 
A 1 74  GLY 74  74  74 GLY GLY A . n 
A 1 75  MET 75  75  75 MET MET A . n 
A 1 76  ARG 76  76  76 ARG ARG A . n 
A 1 77  ASN 77  77  77 ASN ASN A . n 
A 1 78  VAL 78  78  78 VAL VAL A . n 
A 1 79  PHE 79  79  79 PHE PHE A . n 
A 1 80  ASP 80  80  80 ASP ASP A . n 
A 1 81  GLU 81  81  81 GLU GLU A . n 
A 1 82  VAL 82  82  82 VAL VAL A . n 
A 1 83  ILE 83  83  83 ILE ILE A . n 
A 1 84  PRO 84  84  84 PRO PRO A . n 
A 1 85  THR 85  85  85 THR THR A . n 
A 1 86  ALA 86  86  86 ALA ALA A . n 
A 1 87  PHE 87  87  87 PHE PHE A . n 
A 1 88  SER 88  88  88 SER SER A . n 
A 1 89  ILE 89  89  89 ILE ILE A . n 
A 1 90  GLY 90  90  90 GLY GLY A . n 
A 1 91  LYS 91  91  91 LYS LYS A . n 
A 1 92  THR 92  92  92 THR THR A . n 
A 1 93  TYR 93  93  93 TYR TYR A . n 
A 1 94  LYS 94  94  94 LYS LYS A . n 
A 1 95  PRO 95  95  95 PRO PRO A . n 
A 1 96  GLU 96  96  ?  ?   ?   A . n 
A 1 97  GLU 97  97  ?  ?   ?   A . n 
A 1 98  GLN 98  98  ?  ?   ?   A . n 
A 1 99  GLU 99  99  ?  ?   ?   A . n 
A 1 100 PHE 100 100 ?  ?   ?   A . n 
# 
loop_
_pdbx_nonpoly_scheme.asym_id 
_pdbx_nonpoly_scheme.entity_id 
_pdbx_nonpoly_scheme.mon_id 
_pdbx_nonpoly_scheme.ndb_seq_num 
_pdbx_nonpoly_scheme.pdb_seq_num 
_pdbx_nonpoly_scheme.auth_seq_num 
_pdbx_nonpoly_scheme.pdb_mon_id 
_pdbx_nonpoly_scheme.auth_mon_id 
_pdbx_nonpoly_scheme.pdb_strand_id 
_pdbx_nonpoly_scheme.pdb_ins_code 
B 2 HOH 1  101 1  HOH HOH A . 
B 2 HOH 2  102 2  HOH HOH A . 
B 2 HOH 3  103 3  HOH HOH A . 
B 2 HOH 4  104 4  HOH HOH A . 
B 2 HOH 5  105 5  HOH HOH A . 
B 2 HOH 6  106 6  HOH HOH A . 
B 2 HOH 7  107 7  HOH HOH A . 
B 2 HOH 8  108 8  HOH HOH A . 
B 2 HOH 9  109 9  HOH HOH A . 
B 2 HOH 10 110 10 HOH HOH A . 
B 2 HOH 11 111 11 HOH HOH A . 
B 2 HOH 12 112 12 HOH HOH A . 
B 2 HOH 13 113 13 HOH HOH A . 
B 2 HOH 14 114 14 HOH HOH A . 
B 2 HOH 15 115 15 HOH HOH A . 
B 2 HOH 16 116 16 HOH HOH A . 
B 2 HOH 17 117 17 HOH HOH A . 
B 2 HOH 18 118 18 HOH HOH A . 
B 2 HOH 19 119 19 HOH HOH A . 
B 2 HOH 20 120 20 HOH HOH A . 
B 2 HOH 21 121 21 HOH HOH A . 
B 2 HOH 22 122 22 HOH HOH A . 
B 2 HOH 23 123 23 HOH HOH A . 
B 2 HOH 24 124 24 HOH HOH A . 
B 2 HOH 25 125 25 HOH HOH A . 
B 2 HOH 26 126 26 HOH HOH A . 
B 2 HOH 27 127 27 HOH HOH A . 
B 2 HOH 28 128 28 HOH HOH A . 
B 2 HOH 29 129 29 HOH HOH A . 
B 2 HOH 30 130 30 HOH HOH A . 
B 2 HOH 31 131 31 HOH HOH A . 
B 2 HOH 32 132 32 HOH HOH A . 
B 2 HOH 33 133 33 HOH HOH A . 
B 2 HOH 34 134 34 HOH HOH A . 
B 2 HOH 35 135 35 HOH HOH A . 
B 2 HOH 36 136 36 HOH HOH A . 
B 2 HOH 37 137 37 HOH HOH A . 
B 2 HOH 38 138 38 HOH HOH A . 
B 2 HOH 39 139 39 HOH HOH A . 
B 2 HOH 40 140 40 HOH HOH A . 
B 2 HOH 41 141 41 HOH HOH A . 
B 2 HOH 42 142 42 HOH HOH A . 
B 2 HOH 43 143 43 HOH HOH A . 
B 2 HOH 44 144 44 HOH HOH A . 
B 2 HOH 45 145 45 HOH HOH A . 
B 2 HOH 46 146 46 HOH HOH A . 
B 2 HOH 47 147 47 HOH HOH A . 
B 2 HOH 48 148 48 HOH HOH A . 
B 2 HOH 49 149 49 HOH HOH A . 
B 2 HOH 50 150 50 HOH HOH A . 
B 2 HOH 51 151 51 HOH HOH A . 
B 2 HOH 52 152 52 HOH HOH A . 
B 2 HOH 53 153 53 HOH HOH A . 
B 2 HOH 54 154 54 HOH HOH A . 
B 2 HOH 55 155 55 HOH HOH A . 
B 2 HOH 56 156 56 HOH HOH A . 
B 2 HOH 57 157 57 HOH HOH A . 
B 2 HOH 58 158 58 HOH HOH A . 
B 2 HOH 59 159 59 HOH HOH A . 
B 2 HOH 60 160 60 HOH HOH A . 
B 2 HOH 61 161 61 HOH HOH A . 
B 2 HOH 62 162 62 HOH HOH A . 
B 2 HOH 63 163 63 HOH HOH A . 
B 2 HOH 64 164 64 HOH HOH A . 
B 2 HOH 65 165 65 HOH HOH A . 
B 2 HOH 66 166 66 HOH HOH A . 
B 2 HOH 67 167 67 HOH HOH A . 
B 2 HOH 68 168 68 HOH HOH A . 
B 2 HOH 69 169 69 HOH HOH A . 
B 2 HOH 70 170 70 HOH HOH A . 
B 2 HOH 71 171 71 HOH HOH A . 
B 2 HOH 72 172 72 HOH HOH A . 
B 2 HOH 73 173 73 HOH HOH A . 
B 2 HOH 74 174 74 HOH HOH A . 
B 2 HOH 75 175 75 HOH HOH A . 
B 2 HOH 76 176 76 HOH HOH A . 
B 2 HOH 77 177 77 HOH HOH A . 
B 2 HOH 78 178 78 HOH HOH A . 
B 2 HOH 79 179 79 HOH HOH A . 
B 2 HOH 80 180 80 HOH HOH A . 
B 2 HOH 81 181 81 HOH HOH A . 
# 
loop_
_software.name 
_software.classification 
_software.version 
_software.citation_id 
_software.pdbx_ordinal 
HKL-2000  'data collection' .        ? 1 
PHASER    phasing           .        ? 2 
REFMAC    refinement        5.4.0067 ? 3 
DENZO     'data reduction'  .        ? 4 
SCALEPACK 'data scaling'    .        ? 5 
# 
_cell.entry_id           3FT9 
_cell.length_a           24.671 
_cell.length_b           46.767 
_cell.length_c           36.909 
_cell.angle_alpha        90.00 
_cell.angle_beta         91.99 
_cell.angle_gamma        90.00 
_cell.Z_PDB              2 
_cell.pdbx_unique_axis   ? 
_cell.length_a_esd       ? 
_cell.length_b_esd       ? 
_cell.length_c_esd       ? 
_cell.angle_alpha_esd    ? 
_cell.angle_beta_esd     ? 
_cell.angle_gamma_esd    ? 
# 
_symmetry.entry_id                         3FT9 
_symmetry.space_group_name_H-M             'P 1 21 1' 
_symmetry.pdbx_full_space_group_name_H-M   ? 
_symmetry.cell_setting                     ? 
_symmetry.Int_Tables_number                4 
_symmetry.space_group_name_Hall            ? 
# 
_exptl.entry_id          3FT9 
_exptl.method            'X-RAY DIFFRACTION' 
_exptl.crystals_number   1 
# 
_exptl_crystal.id                    1 
_exptl_crystal.density_meas          ? 
_exptl_crystal.density_Matthews      1.87 
_exptl_crystal.density_percent_sol   34.23 
_exptl_crystal.description           ? 
_exptl_crystal.F_000                 ? 
_exptl_crystal.preparation           ? 
# 
_exptl_crystal_grow.crystal_id      1 
_exptl_crystal_grow.method          'VAPOR DIFFUSION' 
_exptl_crystal_grow.temp            293 
_exptl_crystal_grow.temp_details    ? 
_exptl_crystal_grow.pH              5.5 
_exptl_crystal_grow.pdbx_details    '25% PEG 3350, 0.1 M Bis-tris, 0.1 M NaCl, pH 5.5, VAPOR DIFFUSION, temperature 293K' 
_exptl_crystal_grow.pdbx_pH_range   ? 
# 
_diffrn.id                     1 
_diffrn.ambient_temp           100.00 
_diffrn.ambient_temp_details   ? 
_diffrn.crystal_id             1 
# 
_diffrn_detector.diffrn_id              1 
_diffrn_detector.detector               'IMAGE PLATE' 
_diffrn_detector.type                   'MAR scanner 180 mm plate' 
_diffrn_detector.pdbx_collection_date   2008-02-03 
_diffrn_detector.details                ? 
# 
_diffrn_radiation.diffrn_id                        1 
_diffrn_radiation.wavelength_id                    1 
_diffrn_radiation.pdbx_monochromatic_or_laue_m_l   M 
_diffrn_radiation.monochromator                    GRAPHITE 
_diffrn_radiation.pdbx_diffrn_protocol             'SINGLE WAVELENGTH' 
_diffrn_radiation.pdbx_scattering_type             x-ray 
# 
_diffrn_radiation_wavelength.id           1 
_diffrn_radiation_wavelength.wavelength   1.5418 
_diffrn_radiation_wavelength.wt           1.0 
# 
_diffrn_source.diffrn_id                   1 
_diffrn_source.source                      'ROTATING ANODE' 
_diffrn_source.type                        'BRUKER AXS MICROSTAR' 
_diffrn_source.pdbx_synchrotron_site       ? 
_diffrn_source.pdbx_synchrotron_beamline   ? 
_diffrn_source.pdbx_wavelength             ? 
_diffrn_source.pdbx_wavelength_list        1.5418 
# 
_reflns.entry_id                     3FT9 
_reflns.observed_criterion_sigma_I   2.0 
_reflns.observed_criterion_sigma_F   2.0 
_reflns.d_resolution_low             36.89 
_reflns.d_resolution_high            2.05 
_reflns.number_obs                   5096 
_reflns.number_all                   ? 
_reflns.percent_possible_obs         99.5 
_reflns.pdbx_Rmerge_I_obs            0.05 
_reflns.pdbx_Rsym_value              ? 
_reflns.pdbx_netI_over_sigmaI        16222.7 
_reflns.B_iso_Wilson_estimate        24.8 
_reflns.pdbx_redundancy              3.3 
_reflns.R_free_details               ? 
_reflns.limit_h_max                  ? 
_reflns.limit_h_min                  ? 
_reflns.limit_k_max                  ? 
_reflns.limit_k_min                  ? 
_reflns.limit_l_max                  ? 
_reflns.limit_l_min                  ? 
_reflns.observed_criterion_F_max     ? 
_reflns.observed_criterion_F_min     ? 
_reflns.pdbx_chi_squared             ? 
_reflns.pdbx_scaling_rejects         ? 
_reflns.pdbx_diffrn_id               1 
_reflns.pdbx_ordinal                 1 
# 
_reflns_shell.d_res_high             2.05 
_reflns_shell.d_res_low              2.099 
_reflns_shell.percent_possible_all   99.5 
_reflns_shell.Rmerge_I_obs           0.05 
_reflns_shell.pdbx_Rsym_value        ? 
_reflns_shell.meanI_over_sigI_obs    19.45 
_reflns_shell.pdbx_redundancy        3.3 
_reflns_shell.percent_possible_obs   ? 
_reflns_shell.number_unique_all      13550 
_reflns_shell.number_measured_all    ? 
_reflns_shell.number_measured_obs    ? 
_reflns_shell.number_unique_obs      ? 
_reflns_shell.pdbx_chi_squared       ? 
_reflns_shell.pdbx_diffrn_id         ? 
_reflns_shell.pdbx_ordinal           1 
# 
_refine.entry_id                                 3FT9 
_refine.ls_number_reflns_obs                     5096 
_refine.ls_number_reflns_all                     ? 
_refine.pdbx_ls_sigma_I                          ? 
_refine.pdbx_ls_sigma_F                          ? 
_refine.pdbx_data_cutoff_high_absF               ? 
_refine.pdbx_data_cutoff_low_absF                ? 
_refine.pdbx_data_cutoff_high_rms_absF           ? 
_refine.ls_d_res_low                             30.00 
_refine.ls_d_res_high                            2.05 
_refine.ls_percent_reflns_obs                    99.40 
_refine.ls_R_factor_obs                          0.17222 
_refine.ls_R_factor_all                          ? 
_refine.ls_R_factor_R_work                       0.16941 
_refine.ls_R_factor_R_free                       0.22844 
_refine.ls_R_factor_R_free_error                 ? 
_refine.ls_R_factor_R_free_error_details         ? 
_refine.ls_percent_reflns_R_free                 4.5 
_refine.ls_number_reflns_R_free                  242 
_refine.ls_number_parameters                     ? 
_refine.ls_number_restraints                     ? 
_refine.occupancy_min                            ? 
_refine.occupancy_max                            ? 
_refine.correlation_coeff_Fo_to_Fc               0.963 
_refine.correlation_coeff_Fo_to_Fc_free          0.935 
_refine.B_iso_mean                               26.494 
_refine.aniso_B[1][1]                            0.26 
_refine.aniso_B[2][2]                            -0.58 
_refine.aniso_B[3][3]                            0.29 
_refine.aniso_B[1][2]                            0.00 
_refine.aniso_B[1][3]                            -0.42 
_refine.aniso_B[2][3]                            0.00 
_refine.solvent_model_details                    MASK 
_refine.solvent_model_param_ksol                 ? 
_refine.solvent_model_param_bsol                 ? 
_refine.pdbx_solvent_vdw_probe_radii             1.20 
_refine.pdbx_solvent_ion_probe_radii             0.80 
_refine.pdbx_solvent_shrinkage_radii             0.80 
_refine.pdbx_ls_cross_valid_method               THROUGHOUT 
_refine.details                                  'HYDROGENS HAVE BEEN ADDED IN THE RIDING POSITIONS' 
_refine.pdbx_starting_model                      ? 
_refine.pdbx_method_to_determine_struct          'MOLECULAR REPLACEMENT' 
_refine.pdbx_isotropic_thermal_model             ? 
_refine.pdbx_stereochemistry_target_values       'MAXIMUM LIKELIHOOD' 
_refine.pdbx_stereochem_target_val_spec_case     ? 
_refine.pdbx_R_Free_selection_details            RANDOM 
_refine.pdbx_overall_ESU_R                       0.242 
_refine.pdbx_overall_ESU_R_Free                  0.192 
_refine.overall_SU_ML                            0.143 
_refine.overall_SU_B                             5.389 
_refine.ls_redundancy_reflns_obs                 ? 
_refine.B_iso_min                                ? 
_refine.B_iso_max                                ? 
_refine.overall_SU_R_Cruickshank_DPI             ? 
_refine.overall_SU_R_free                        ? 
_refine.ls_wR_factor_R_free                      ? 
_refine.ls_wR_factor_R_work                      ? 
_refine.overall_FOM_free_R_set                   ? 
_refine.overall_FOM_work_R_set                   ? 
_refine.pdbx_overall_phase_error                 ? 
_refine.pdbx_refine_id                           'X-RAY DIFFRACTION' 
_refine.pdbx_diffrn_id                           1 
_refine.pdbx_TLS_residual_ADP_flag               ? 
_refine.pdbx_overall_SU_R_free_Cruickshank_DPI   ? 
_refine.pdbx_overall_SU_R_Blow_DPI               ? 
_refine.pdbx_overall_SU_R_free_Blow_DPI          ? 
# 
_refine_hist.pdbx_refine_id                   'X-RAY DIFFRACTION' 
_refine_hist.cycle_id                         LAST 
_refine_hist.pdbx_number_atoms_protein        750 
_refine_hist.pdbx_number_atoms_nucleic_acid   0 
_refine_hist.pdbx_number_atoms_ligand         0 
_refine_hist.number_atoms_solvent             81 
_refine_hist.number_atoms_total               831 
_refine_hist.d_res_high                       2.05 
_refine_hist.d_res_low                        30.00 
# 
loop_
_refine_ls_restr.type 
_refine_ls_restr.dev_ideal 
_refine_ls_restr.dev_ideal_target 
_refine_ls_restr.weight 
_refine_ls_restr.number 
_refine_ls_restr.pdbx_refine_id 
_refine_ls_restr.pdbx_restraint_function 
r_bond_refined_d       0.029  0.022  ? 769  'X-RAY DIFFRACTION' ? 
r_angle_refined_deg    2.409  1.969  ? 1037 'X-RAY DIFFRACTION' ? 
r_dihedral_angle_1_deg 7.833  5.000  ? 93   'X-RAY DIFFRACTION' ? 
r_dihedral_angle_2_deg 44.141 24.062 ? 32   'X-RAY DIFFRACTION' ? 
r_dihedral_angle_3_deg 20.246 15.000 ? 141  'X-RAY DIFFRACTION' ? 
r_dihedral_angle_4_deg 8.423  15.000 ? 4    'X-RAY DIFFRACTION' ? 
r_chiral_restr         0.171  0.200  ? 111  'X-RAY DIFFRACTION' ? 
r_gen_planes_refined   0.014  0.021  ? 572  'X-RAY DIFFRACTION' ? 
r_mcbond_it            1.536  1.500  ? 468  'X-RAY DIFFRACTION' ? 
r_mcangle_it           2.762  2.000  ? 763  'X-RAY DIFFRACTION' ? 
r_scbond_it            4.230  3.000  ? 301  'X-RAY DIFFRACTION' ? 
r_scangle_it           6.853  4.500  ? 274  'X-RAY DIFFRACTION' ? 
# 
_refine_ls_shell.pdbx_total_number_of_bins_used   20 
_refine_ls_shell.d_res_high                       2.05 
_refine_ls_shell.d_res_low                        2.099 
_refine_ls_shell.number_reflns_R_work             364 
_refine_ls_shell.R_factor_R_work                  0.220 
_refine_ls_shell.percent_reflns_obs               98.69 
_refine_ls_shell.R_factor_R_free                  0.302 
_refine_ls_shell.R_factor_R_free_error            ? 
_refine_ls_shell.percent_reflns_R_free            ? 
_refine_ls_shell.number_reflns_R_free             14 
_refine_ls_shell.number_reflns_all                ? 
_refine_ls_shell.R_factor_all                     ? 
_refine_ls_shell.number_reflns_obs                ? 
_refine_ls_shell.redundancy_reflns_obs            ? 
_refine_ls_shell.pdbx_refine_id                   'X-RAY DIFFRACTION' 
# 
_struct.entry_id                  3FT9 
_struct.title                     'X-ray Crystal structure of pollen allergen - Phl p 3' 
_struct.pdbx_model_details        ? 
_struct.pdbx_CASP_flag            ? 
_struct.pdbx_model_type_details   ? 
# 
_struct_keywords.entry_id        3FT9 
_struct_keywords.pdbx_keywords   ALLERGEN 
_struct_keywords.text            'Beta-barrel, allergen' 
# 
loop_
_struct_asym.id 
_struct_asym.pdbx_blank_PDB_chainid_flag 
_struct_asym.pdbx_modified 
_struct_asym.entity_id 
_struct_asym.details 
A N N 1 ? 
B N N 2 ? 
# 
_struct_ref.id                         1 
_struct_ref.db_name                    UNP 
_struct_ref.db_code                    Q69B42_PHLPR 
_struct_ref.pdbx_db_accession          Q69B42 
_struct_ref.entity_id                  1 
_struct_ref.pdbx_seq_one_letter_code   
;AVQVTFTVQKGSDPKKLVLDIKYTRPGDSLAEVELRQHGSEEWEPLTKKGNVWEVKSSKPLVGPFNFRFMSKGGMRNVFD
EVIPTAFSIGKTYKPEE
;
_struct_ref.pdbx_align_begin           1 
_struct_ref.pdbx_db_isoform            ? 
# 
_struct_ref_seq.align_id                      1 
_struct_ref_seq.ref_id                        1 
_struct_ref_seq.pdbx_PDB_id_code              3FT9 
_struct_ref_seq.pdbx_strand_id                A 
_struct_ref_seq.seq_align_beg                 1 
_struct_ref_seq.pdbx_seq_align_beg_ins_code   ? 
_struct_ref_seq.seq_align_end                 97 
_struct_ref_seq.pdbx_seq_align_end_ins_code   ? 
_struct_ref_seq.pdbx_db_accession             Q69B42 
_struct_ref_seq.db_align_beg                  1 
_struct_ref_seq.pdbx_db_align_beg_ins_code    ? 
_struct_ref_seq.db_align_end                  97 
_struct_ref_seq.pdbx_db_align_end_ins_code    ? 
_struct_ref_seq.pdbx_auth_seq_align_beg       1 
_struct_ref_seq.pdbx_auth_seq_align_end       97 
# 
loop_
_struct_ref_seq_dif.align_id 
_struct_ref_seq_dif.pdbx_pdb_id_code 
_struct_ref_seq_dif.mon_id 
_struct_ref_seq_dif.pdbx_pdb_strand_id 
_struct_ref_seq_dif.seq_num 
_struct_ref_seq_dif.pdbx_pdb_ins_code 
_struct_ref_seq_dif.pdbx_seq_db_name 
_struct_ref_seq_dif.pdbx_seq_db_accession_code 
_struct_ref_seq_dif.db_mon_id 
_struct_ref_seq_dif.pdbx_seq_db_seq_num 
_struct_ref_seq_dif.details 
_struct_ref_seq_dif.pdbx_auth_seq_num 
_struct_ref_seq_dif.pdbx_ordinal 
1 3FT9 GLN A 98  ? UNP Q69B42 ? ? 'expression tag' 98  1 
1 3FT9 GLU A 99  ? UNP Q69B42 ? ? 'expression tag' 99  2 
1 3FT9 PHE A 100 ? UNP Q69B42 ? ? 'expression tag' 100 3 
# 
_pdbx_struct_assembly.id                   1 
_pdbx_struct_assembly.details              author_defined_assembly 
_pdbx_struct_assembly.method_details       ? 
_pdbx_struct_assembly.oligomeric_details   monomeric 
_pdbx_struct_assembly.oligomeric_count     1 
# 
_pdbx_struct_assembly_gen.assembly_id       1 
_pdbx_struct_assembly_gen.oper_expression   1 
_pdbx_struct_assembly_gen.asym_id_list      A,B 
# 
_pdbx_struct_oper_list.id                   1 
_pdbx_struct_oper_list.type                 'identity operation' 
_pdbx_struct_oper_list.name                 1_555 
_pdbx_struct_oper_list.symmetry_operation   x,y,z 
_pdbx_struct_oper_list.matrix[1][1]         1.0000000000 
_pdbx_struct_oper_list.matrix[1][2]         0.0000000000 
_pdbx_struct_oper_list.matrix[1][3]         0.0000000000 
_pdbx_struct_oper_list.vector[1]            0.0000000000 
_pdbx_struct_oper_list.matrix[2][1]         0.0000000000 
_pdbx_struct_oper_list.matrix[2][2]         1.0000000000 
_pdbx_struct_oper_list.matrix[2][3]         0.0000000000 
_pdbx_struct_oper_list.vector[2]            0.0000000000 
_pdbx_struct_oper_list.matrix[3][1]         0.0000000000 
_pdbx_struct_oper_list.matrix[3][2]         0.0000000000 
_pdbx_struct_oper_list.matrix[3][3]         1.0000000000 
_pdbx_struct_oper_list.vector[3]            0.0000000000 
# 
_struct_biol.id        1 
_struct_biol.details   ? 
# 
_struct_mon_prot_cis.pdbx_id                1 
_struct_mon_prot_cis.label_comp_id          GLY 
_struct_mon_prot_cis.label_seq_id           63 
_struct_mon_prot_cis.label_asym_id          A 
_struct_mon_prot_cis.label_alt_id           . 
_struct_mon_prot_cis.pdbx_PDB_ins_code      ? 
_struct_mon_prot_cis.auth_comp_id           GLY 
_struct_mon_prot_cis.auth_seq_id            63 
_struct_mon_prot_cis.auth_asym_id           A 
_struct_mon_prot_cis.pdbx_label_comp_id_2   PRO 
_struct_mon_prot_cis.pdbx_label_seq_id_2    64 
_struct_mon_prot_cis.pdbx_label_asym_id_2   A 
_struct_mon_prot_cis.pdbx_PDB_ins_code_2    ? 
_struct_mon_prot_cis.pdbx_auth_comp_id_2    PRO 
_struct_mon_prot_cis.pdbx_auth_seq_id_2     64 
_struct_mon_prot_cis.pdbx_auth_asym_id_2    A 
_struct_mon_prot_cis.pdbx_PDB_model_num     1 
_struct_mon_prot_cis.pdbx_omega_angle       2.24 
# 
loop_
_struct_sheet.id 
_struct_sheet.type 
_struct_sheet.number_strands 
_struct_sheet.details 
A ? 5 ? 
B ? 4 ? 
# 
loop_
_struct_sheet_order.sheet_id 
_struct_sheet_order.range_id_1 
_struct_sheet_order.range_id_2 
_struct_sheet_order.offset 
_struct_sheet_order.sense 
A 1 2 ? anti-parallel 
A 2 3 ? anti-parallel 
A 3 4 ? anti-parallel 
A 4 5 ? anti-parallel 
B 1 2 ? anti-parallel 
B 2 3 ? anti-parallel 
B 3 4 ? anti-parallel 
# 
loop_
_struct_sheet_range.sheet_id 
_struct_sheet_range.id 
_struct_sheet_range.beg_label_comp_id 
_struct_sheet_range.beg_label_asym_id 
_struct_sheet_range.beg_label_seq_id 
_struct_sheet_range.pdbx_beg_PDB_ins_code 
_struct_sheet_range.end_label_comp_id 
_struct_sheet_range.end_label_asym_id 
_struct_sheet_range.end_label_seq_id 
_struct_sheet_range.pdbx_end_PDB_ins_code 
_struct_sheet_range.beg_auth_comp_id 
_struct_sheet_range.beg_auth_asym_id 
_struct_sheet_range.beg_auth_seq_id 
_struct_sheet_range.end_auth_comp_id 
_struct_sheet_range.end_auth_asym_id 
_struct_sheet_range.end_auth_seq_id 
A 1 THR A 47 ? LYS A 49 ? THR A 47 LYS A 49 
A 2 VAL A 52 ? LYS A 56 ? VAL A 52 LYS A 56 
A 3 LYS A 16 ? THR A 24 ? LYS A 16 THR A 24 
A 4 GLN A 3  ? VAL A 8  ? GLN A 3  VAL A 8  
A 5 THR A 92 ? TYR A 93 ? THR A 92 TYR A 93 
B 1 GLU A 44 ? PRO A 45 ? GLU A 44 PRO A 45 
B 2 LEU A 30 ? ARG A 36 ? LEU A 30 ARG A 36 
B 3 PHE A 65 ? SER A 71 ? PHE A 65 SER A 71 
B 4 ARG A 76 ? ILE A 83 ? ARG A 76 ILE A 83 
# 
loop_
_pdbx_struct_sheet_hbond.sheet_id 
_pdbx_struct_sheet_hbond.range_id_1 
_pdbx_struct_sheet_hbond.range_id_2 
_pdbx_struct_sheet_hbond.range_1_label_atom_id 
_pdbx_struct_sheet_hbond.range_1_label_comp_id 
_pdbx_struct_sheet_hbond.range_1_label_asym_id 
_pdbx_struct_sheet_hbond.range_1_label_seq_id 
_pdbx_struct_sheet_hbond.range_1_PDB_ins_code 
_pdbx_struct_sheet_hbond.range_1_auth_atom_id 
_pdbx_struct_sheet_hbond.range_1_auth_comp_id 
_pdbx_struct_sheet_hbond.range_1_auth_asym_id 
_pdbx_struct_sheet_hbond.range_1_auth_seq_id 
_pdbx_struct_sheet_hbond.range_2_label_atom_id 
_pdbx_struct_sheet_hbond.range_2_label_comp_id 
_pdbx_struct_sheet_hbond.range_2_label_asym_id 
_pdbx_struct_sheet_hbond.range_2_label_seq_id 
_pdbx_struct_sheet_hbond.range_2_PDB_ins_code 
_pdbx_struct_sheet_hbond.range_2_auth_atom_id 
_pdbx_struct_sheet_hbond.range_2_auth_comp_id 
_pdbx_struct_sheet_hbond.range_2_auth_asym_id 
_pdbx_struct_sheet_hbond.range_2_auth_seq_id 
A 1 2 N LYS A 49 ? N LYS A 49 O VAL A 52 ? O VAL A 52 
A 2 3 O TRP A 53 ? O TRP A 53 N LEU A 19 ? N LEU A 19 
A 3 4 O ASP A 20 ? O ASP A 20 N THR A 7  ? N THR A 7  
A 4 5 N PHE A 6  ? N PHE A 6  O TYR A 93 ? O TYR A 93 
B 1 2 O GLU A 44 ? O GLU A 44 N LEU A 35 ? N LEU A 35 
B 2 3 N ALA A 31 ? N ALA A 31 O MET A 70 ? O MET A 70 
B 3 4 N PHE A 67 ? N PHE A 67 O PHE A 79 ? O PHE A 79 
# 
_pdbx_validate_close_contact.id               1 
_pdbx_validate_close_contact.PDB_model_num    1 
_pdbx_validate_close_contact.auth_atom_id_1   CD 
_pdbx_validate_close_contact.auth_asym_id_1   A 
_pdbx_validate_close_contact.auth_comp_id_1   LYS 
_pdbx_validate_close_contact.auth_seq_id_1    94 
_pdbx_validate_close_contact.PDB_ins_code_1   ? 
_pdbx_validate_close_contact.label_alt_id_1   ? 
_pdbx_validate_close_contact.auth_atom_id_2   O 
_pdbx_validate_close_contact.auth_asym_id_2   A 
_pdbx_validate_close_contact.auth_comp_id_2   HOH 
_pdbx_validate_close_contact.auth_seq_id_2    150 
_pdbx_validate_close_contact.PDB_ins_code_2   ? 
_pdbx_validate_close_contact.label_alt_id_2   ? 
_pdbx_validate_close_contact.dist             2.18 
# 
_pdbx_validate_rmsd_angle.id                         1 
_pdbx_validate_rmsd_angle.PDB_model_num              1 
_pdbx_validate_rmsd_angle.auth_atom_id_1             CB 
_pdbx_validate_rmsd_angle.auth_asym_id_1             A 
_pdbx_validate_rmsd_angle.auth_comp_id_1             ASP 
_pdbx_validate_rmsd_angle.auth_seq_id_1              28 
_pdbx_validate_rmsd_angle.PDB_ins_code_1             ? 
_pdbx_validate_rmsd_angle.label_alt_id_1             ? 
_pdbx_validate_rmsd_angle.auth_atom_id_2             CG 
_pdbx_validate_rmsd_angle.auth_asym_id_2             A 
_pdbx_validate_rmsd_angle.auth_comp_id_2             ASP 
_pdbx_validate_rmsd_angle.auth_seq_id_2              28 
_pdbx_validate_rmsd_angle.PDB_ins_code_2             ? 
_pdbx_validate_rmsd_angle.label_alt_id_2             ? 
_pdbx_validate_rmsd_angle.auth_atom_id_3             OD1 
_pdbx_validate_rmsd_angle.auth_asym_id_3             A 
_pdbx_validate_rmsd_angle.auth_comp_id_3             ASP 
_pdbx_validate_rmsd_angle.auth_seq_id_3              28 
_pdbx_validate_rmsd_angle.PDB_ins_code_3             ? 
_pdbx_validate_rmsd_angle.label_alt_id_3             ? 
_pdbx_validate_rmsd_angle.angle_value                124.76 
_pdbx_validate_rmsd_angle.angle_target_value         118.30 
_pdbx_validate_rmsd_angle.angle_deviation            6.46 
_pdbx_validate_rmsd_angle.angle_standard_deviation   0.90 
_pdbx_validate_rmsd_angle.linker_flag                N 
# 
loop_
_pdbx_unobs_or_zero_occ_residues.id 
_pdbx_unobs_or_zero_occ_residues.PDB_model_num 
_pdbx_unobs_or_zero_occ_residues.polymer_flag 
_pdbx_unobs_or_zero_occ_residues.occupancy_flag 
_pdbx_unobs_or_zero_occ_residues.auth_asym_id 
_pdbx_unobs_or_zero_occ_residues.auth_comp_id 
_pdbx_unobs_or_zero_occ_residues.auth_seq_id 
_pdbx_unobs_or_zero_occ_residues.PDB_ins_code 
_pdbx_unobs_or_zero_occ_residues.label_asym_id 
_pdbx_unobs_or_zero_occ_residues.label_comp_id 
_pdbx_unobs_or_zero_occ_residues.label_seq_id 
1 1 Y 1 A ALA 1   ? A ALA 1   
2 1 Y 1 A GLU 96  ? A GLU 96  
3 1 Y 1 A GLU 97  ? A GLU 97  
4 1 Y 1 A GLN 98  ? A GLN 98  
5 1 Y 1 A GLU 99  ? A GLU 99  
6 1 Y 1 A PHE 100 ? A PHE 100 
# 
loop_
_chem_comp_atom.comp_id 
_chem_comp_atom.atom_id 
_chem_comp_atom.type_symbol 
_chem_comp_atom.pdbx_aromatic_flag 
_chem_comp_atom.pdbx_stereo_config 
_chem_comp_atom.pdbx_ordinal 
ALA N    N N N 1   
ALA CA   C N S 2   
ALA C    C N N 3   
ALA O    O N N 4   
ALA CB   C N N 5   
ALA OXT  O N N 6   
ALA H    H N N 7   
ALA H2   H N N 8   
ALA HA   H N N 9   
ALA HB1  H N N 10  
ALA HB2  H N N 11  
ALA HB3  H N N 12  
ALA HXT  H N N 13  
ARG N    N N N 14  
ARG CA   C N S 15  
ARG C    C N N 16  
ARG O    O N N 17  
ARG CB   C N N 18  
ARG CG   C N N 19  
ARG CD   C N N 20  
ARG NE   N N N 21  
ARG CZ   C N N 22  
ARG NH1  N N N 23  
ARG NH2  N N N 24  
ARG OXT  O N N 25  
ARG H    H N N 26  
ARG H2   H N N 27  
ARG HA   H N N 28  
ARG HB2  H N N 29  
ARG HB3  H N N 30  
ARG HG2  H N N 31  
ARG HG3  H N N 32  
ARG HD2  H N N 33  
ARG HD3  H N N 34  
ARG HE   H N N 35  
ARG HH11 H N N 36  
ARG HH12 H N N 37  
ARG HH21 H N N 38  
ARG HH22 H N N 39  
ARG HXT  H N N 40  
ASN N    N N N 41  
ASN CA   C N S 42  
ASN C    C N N 43  
ASN O    O N N 44  
ASN CB   C N N 45  
ASN CG   C N N 46  
ASN OD1  O N N 47  
ASN ND2  N N N 48  
ASN OXT  O N N 49  
ASN H    H N N 50  
ASN H2   H N N 51  
ASN HA   H N N 52  
ASN HB2  H N N 53  
ASN HB3  H N N 54  
ASN HD21 H N N 55  
ASN HD22 H N N 56  
ASN HXT  H N N 57  
ASP N    N N N 58  
ASP CA   C N S 59  
ASP C    C N N 60  
ASP O    O N N 61  
ASP CB   C N N 62  
ASP CG   C N N 63  
ASP OD1  O N N 64  
ASP OD2  O N N 65  
ASP OXT  O N N 66  
ASP H    H N N 67  
ASP H2   H N N 68  
ASP HA   H N N 69  
ASP HB2  H N N 70  
ASP HB3  H N N 71  
ASP HD2  H N N 72  
ASP HXT  H N N 73  
GLN N    N N N 74  
GLN CA   C N S 75  
GLN C    C N N 76  
GLN O    O N N 77  
GLN CB   C N N 78  
GLN CG   C N N 79  
GLN CD   C N N 80  
GLN OE1  O N N 81  
GLN NE2  N N N 82  
GLN OXT  O N N 83  
GLN H    H N N 84  
GLN H2   H N N 85  
GLN HA   H N N 86  
GLN HB2  H N N 87  
GLN HB3  H N N 88  
GLN HG2  H N N 89  
GLN HG3  H N N 90  
GLN HE21 H N N 91  
GLN HE22 H N N 92  
GLN HXT  H N N 93  
GLU N    N N N 94  
GLU CA   C N S 95  
GLU C    C N N 96  
GLU O    O N N 97  
GLU CB   C N N 98  
GLU CG   C N N 99  
GLU CD   C N N 100 
GLU OE1  O N N 101 
GLU OE2  O N N 102 
GLU OXT  O N N 103 
GLU H    H N N 104 
GLU H2   H N N 105 
GLU HA   H N N 106 
GLU HB2  H N N 107 
GLU HB3  H N N 108 
GLU HG2  H N N 109 
GLU HG3  H N N 110 
GLU HE2  H N N 111 
GLU HXT  H N N 112 
GLY N    N N N 113 
GLY CA   C N N 114 
GLY C    C N N 115 
GLY O    O N N 116 
GLY OXT  O N N 117 
GLY H    H N N 118 
GLY H2   H N N 119 
GLY HA2  H N N 120 
GLY HA3  H N N 121 
GLY HXT  H N N 122 
HIS N    N N N 123 
HIS CA   C N S 124 
HIS C    C N N 125 
HIS O    O N N 126 
HIS CB   C N N 127 
HIS CG   C Y N 128 
HIS ND1  N Y N 129 
HIS CD2  C Y N 130 
HIS CE1  C Y N 131 
HIS NE2  N Y N 132 
HIS OXT  O N N 133 
HIS H    H N N 134 
HIS H2   H N N 135 
HIS HA   H N N 136 
HIS HB2  H N N 137 
HIS HB3  H N N 138 
HIS HD1  H N N 139 
HIS HD2  H N N 140 
HIS HE1  H N N 141 
HIS HE2  H N N 142 
HIS HXT  H N N 143 
HOH O    O N N 144 
HOH H1   H N N 145 
HOH H2   H N N 146 
ILE N    N N N 147 
ILE CA   C N S 148 
ILE C    C N N 149 
ILE O    O N N 150 
ILE CB   C N S 151 
ILE CG1  C N N 152 
ILE CG2  C N N 153 
ILE CD1  C N N 154 
ILE OXT  O N N 155 
ILE H    H N N 156 
ILE H2   H N N 157 
ILE HA   H N N 158 
ILE HB   H N N 159 
ILE HG12 H N N 160 
ILE HG13 H N N 161 
ILE HG21 H N N 162 
ILE HG22 H N N 163 
ILE HG23 H N N 164 
ILE HD11 H N N 165 
ILE HD12 H N N 166 
ILE HD13 H N N 167 
ILE HXT  H N N 168 
LEU N    N N N 169 
LEU CA   C N S 170 
LEU C    C N N 171 
LEU O    O N N 172 
LEU CB   C N N 173 
LEU CG   C N N 174 
LEU CD1  C N N 175 
LEU CD2  C N N 176 
LEU OXT  O N N 177 
LEU H    H N N 178 
LEU H2   H N N 179 
LEU HA   H N N 180 
LEU HB2  H N N 181 
LEU HB3  H N N 182 
LEU HG   H N N 183 
LEU HD11 H N N 184 
LEU HD12 H N N 185 
LEU HD13 H N N 186 
LEU HD21 H N N 187 
LEU HD22 H N N 188 
LEU HD23 H N N 189 
LEU HXT  H N N 190 
LYS N    N N N 191 
LYS CA   C N S 192 
LYS C    C N N 193 
LYS O    O N N 194 
LYS CB   C N N 195 
LYS CG   C N N 196 
LYS CD   C N N 197 
LYS CE   C N N 198 
LYS NZ   N N N 199 
LYS OXT  O N N 200 
LYS H    H N N 201 
LYS H2   H N N 202 
LYS HA   H N N 203 
LYS HB2  H N N 204 
LYS HB3  H N N 205 
LYS HG2  H N N 206 
LYS HG3  H N N 207 
LYS HD2  H N N 208 
LYS HD3  H N N 209 
LYS HE2  H N N 210 
LYS HE3  H N N 211 
LYS HZ1  H N N 212 
LYS HZ2  H N N 213 
LYS HZ3  H N N 214 
LYS HXT  H N N 215 
MET N    N N N 216 
MET CA   C N S 217 
MET C    C N N 218 
MET O    O N N 219 
MET CB   C N N 220 
MET CG   C N N 221 
MET SD   S N N 222 
MET CE   C N N 223 
MET OXT  O N N 224 
MET H    H N N 225 
MET H2   H N N 226 
MET HA   H N N 227 
MET HB2  H N N 228 
MET HB3  H N N 229 
MET HG2  H N N 230 
MET HG3  H N N 231 
MET HE1  H N N 232 
MET HE2  H N N 233 
MET HE3  H N N 234 
MET HXT  H N N 235 
PHE N    N N N 236 
PHE CA   C N S 237 
PHE C    C N N 238 
PHE O    O N N 239 
PHE CB   C N N 240 
PHE CG   C Y N 241 
PHE CD1  C Y N 242 
PHE CD2  C Y N 243 
PHE CE1  C Y N 244 
PHE CE2  C Y N 245 
PHE CZ   C Y N 246 
PHE OXT  O N N 247 
PHE H    H N N 248 
PHE H2   H N N 249 
PHE HA   H N N 250 
PHE HB2  H N N 251 
PHE HB3  H N N 252 
PHE HD1  H N N 253 
PHE HD2  H N N 254 
PHE HE1  H N N 255 
PHE HE2  H N N 256 
PHE HZ   H N N 257 
PHE HXT  H N N 258 
PRO N    N N N 259 
PRO CA   C N S 260 
PRO C    C N N 261 
PRO O    O N N 262 
PRO CB   C N N 263 
PRO CG   C N N 264 
PRO CD   C N N 265 
PRO OXT  O N N 266 
PRO H    H N N 267 
PRO HA   H N N 268 
PRO HB2  H N N 269 
PRO HB3  H N N 270 
PRO HG2  H N N 271 
PRO HG3  H N N 272 
PRO HD2  H N N 273 
PRO HD3  H N N 274 
PRO HXT  H N N 275 
SER N    N N N 276 
SER CA   C N S 277 
SER C    C N N 278 
SER O    O N N 279 
SER CB   C N N 280 
SER OG   O N N 281 
SER OXT  O N N 282 
SER H    H N N 283 
SER H2   H N N 284 
SER HA   H N N 285 
SER HB2  H N N 286 
SER HB3  H N N 287 
SER HG   H N N 288 
SER HXT  H N N 289 
THR N    N N N 290 
THR CA   C N S 291 
THR C    C N N 292 
THR O    O N N 293 
THR CB   C N R 294 
THR OG1  O N N 295 
THR CG2  C N N 296 
THR OXT  O N N 297 
THR H    H N N 298 
THR H2   H N N 299 
THR HA   H N N 300 
THR HB   H N N 301 
THR HG1  H N N 302 
THR HG21 H N N 303 
THR HG22 H N N 304 
THR HG23 H N N 305 
THR HXT  H N N 306 
TRP N    N N N 307 
TRP CA   C N S 308 
TRP C    C N N 309 
TRP O    O N N 310 
TRP CB   C N N 311 
TRP CG   C Y N 312 
TRP CD1  C Y N 313 
TRP CD2  C Y N 314 
TRP NE1  N Y N 315 
TRP CE2  C Y N 316 
TRP CE3  C Y N 317 
TRP CZ2  C Y N 318 
TRP CZ3  C Y N 319 
TRP CH2  C Y N 320 
TRP OXT  O N N 321 
TRP H    H N N 322 
TRP H2   H N N 323 
TRP HA   H N N 324 
TRP HB2  H N N 325 
TRP HB3  H N N 326 
TRP HD1  H N N 327 
TRP HE1  H N N 328 
TRP HE3  H N N 329 
TRP HZ2  H N N 330 
TRP HZ3  H N N 331 
TRP HH2  H N N 332 
TRP HXT  H N N 333 
TYR N    N N N 334 
TYR CA   C N S 335 
TYR C    C N N 336 
TYR O    O N N 337 
TYR CB   C N N 338 
TYR CG   C Y N 339 
TYR CD1  C Y N 340 
TYR CD2  C Y N 341 
TYR CE1  C Y N 342 
TYR CE2  C Y N 343 
TYR CZ   C Y N 344 
TYR OH   O N N 345 
TYR OXT  O N N 346 
TYR H    H N N 347 
TYR H2   H N N 348 
TYR HA   H N N 349 
TYR HB2  H N N 350 
TYR HB3  H N N 351 
TYR HD1  H N N 352 
TYR HD2  H N N 353 
TYR HE1  H N N 354 
TYR HE2  H N N 355 
TYR HH   H N N 356 
TYR HXT  H N N 357 
VAL N    N N N 358 
VAL CA   C N S 359 
VAL C    C N N 360 
VAL O    O N N 361 
VAL CB   C N N 362 
VAL CG1  C N N 363 
VAL CG2  C N N 364 
VAL OXT  O N N 365 
VAL H    H N N 366 
VAL H2   H N N 367 
VAL HA   H N N 368 
VAL HB   H N N 369 
VAL HG11 H N N 370 
VAL HG12 H N N 371 
VAL HG13 H N N 372 
VAL HG21 H N N 373 
VAL HG22 H N N 374 
VAL HG23 H N N 375 
VAL HXT  H N N 376 
# 
loop_
_chem_comp_bond.comp_id 
_chem_comp_bond.atom_id_1 
_chem_comp_bond.atom_id_2 
_chem_comp_bond.value_order 
_chem_comp_bond.pdbx_aromatic_flag 
_chem_comp_bond.pdbx_stereo_config 
_chem_comp_bond.pdbx_ordinal 
ALA N   CA   sing N N 1   
ALA N   H    sing N N 2   
ALA N   H2   sing N N 3   
ALA CA  C    sing N N 4   
ALA CA  CB   sing N N 5   
ALA CA  HA   sing N N 6   
ALA C   O    doub N N 7   
ALA C   OXT  sing N N 8   
ALA CB  HB1  sing N N 9   
ALA CB  HB2  sing N N 10  
ALA CB  HB3  sing N N 11  
ALA OXT HXT  sing N N 12  
ARG N   CA   sing N N 13  
ARG N   H    sing N N 14  
ARG N   H2   sing N N 15  
ARG CA  C    sing N N 16  
ARG CA  CB   sing N N 17  
ARG CA  HA   sing N N 18  
ARG C   O    doub N N 19  
ARG C   OXT  sing N N 20  
ARG CB  CG   sing N N 21  
ARG CB  HB2  sing N N 22  
ARG CB  HB3  sing N N 23  
ARG CG  CD   sing N N 24  
ARG CG  HG2  sing N N 25  
ARG CG  HG3  sing N N 26  
ARG CD  NE   sing N N 27  
ARG CD  HD2  sing N N 28  
ARG CD  HD3  sing N N 29  
ARG NE  CZ   sing N N 30  
ARG NE  HE   sing N N 31  
ARG CZ  NH1  sing N N 32  
ARG CZ  NH2  doub N N 33  
ARG NH1 HH11 sing N N 34  
ARG NH1 HH12 sing N N 35  
ARG NH2 HH21 sing N N 36  
ARG NH2 HH22 sing N N 37  
ARG OXT HXT  sing N N 38  
ASN N   CA   sing N N 39  
ASN N   H    sing N N 40  
ASN N   H2   sing N N 41  
ASN CA  C    sing N N 42  
ASN CA  CB   sing N N 43  
ASN CA  HA   sing N N 44  
ASN C   O    doub N N 45  
ASN C   OXT  sing N N 46  
ASN CB  CG   sing N N 47  
ASN CB  HB2  sing N N 48  
ASN CB  HB3  sing N N 49  
ASN CG  OD1  doub N N 50  
ASN CG  ND2  sing N N 51  
ASN ND2 HD21 sing N N 52  
ASN ND2 HD22 sing N N 53  
ASN OXT HXT  sing N N 54  
ASP N   CA   sing N N 55  
ASP N   H    sing N N 56  
ASP N   H2   sing N N 57  
ASP CA  C    sing N N 58  
ASP CA  CB   sing N N 59  
ASP CA  HA   sing N N 60  
ASP C   O    doub N N 61  
ASP C   OXT  sing N N 62  
ASP CB  CG   sing N N 63  
ASP CB  HB2  sing N N 64  
ASP CB  HB3  sing N N 65  
ASP CG  OD1  doub N N 66  
ASP CG  OD2  sing N N 67  
ASP OD2 HD2  sing N N 68  
ASP OXT HXT  sing N N 69  
GLN N   CA   sing N N 70  
GLN N   H    sing N N 71  
GLN N   H2   sing N N 72  
GLN CA  C    sing N N 73  
GLN CA  CB   sing N N 74  
GLN CA  HA   sing N N 75  
GLN C   O    doub N N 76  
GLN C   OXT  sing N N 77  
GLN CB  CG   sing N N 78  
GLN CB  HB2  sing N N 79  
GLN CB  HB3  sing N N 80  
GLN CG  CD   sing N N 81  
GLN CG  HG2  sing N N 82  
GLN CG  HG3  sing N N 83  
GLN CD  OE1  doub N N 84  
GLN CD  NE2  sing N N 85  
GLN NE2 HE21 sing N N 86  
GLN NE2 HE22 sing N N 87  
GLN OXT HXT  sing N N 88  
GLU N   CA   sing N N 89  
GLU N   H    sing N N 90  
GLU N   H2   sing N N 91  
GLU CA  C    sing N N 92  
GLU CA  CB   sing N N 93  
GLU CA  HA   sing N N 94  
GLU C   O    doub N N 95  
GLU C   OXT  sing N N 96  
GLU CB  CG   sing N N 97  
GLU CB  HB2  sing N N 98  
GLU CB  HB3  sing N N 99  
GLU CG  CD   sing N N 100 
GLU CG  HG2  sing N N 101 
GLU CG  HG3  sing N N 102 
GLU CD  OE1  doub N N 103 
GLU CD  OE2  sing N N 104 
GLU OE2 HE2  sing N N 105 
GLU OXT HXT  sing N N 106 
GLY N   CA   sing N N 107 
GLY N   H    sing N N 108 
GLY N   H2   sing N N 109 
GLY CA  C    sing N N 110 
GLY CA  HA2  sing N N 111 
GLY CA  HA3  sing N N 112 
GLY C   O    doub N N 113 
GLY C   OXT  sing N N 114 
GLY OXT HXT  sing N N 115 
HIS N   CA   sing N N 116 
HIS N   H    sing N N 117 
HIS N   H2   sing N N 118 
HIS CA  C    sing N N 119 
HIS CA  CB   sing N N 120 
HIS CA  HA   sing N N 121 
HIS C   O    doub N N 122 
HIS C   OXT  sing N N 123 
HIS CB  CG   sing N N 124 
HIS CB  HB2  sing N N 125 
HIS CB  HB3  sing N N 126 
HIS CG  ND1  sing Y N 127 
HIS CG  CD2  doub Y N 128 
HIS ND1 CE1  doub Y N 129 
HIS ND1 HD1  sing N N 130 
HIS CD2 NE2  sing Y N 131 
HIS CD2 HD2  sing N N 132 
HIS CE1 NE2  sing Y N 133 
HIS CE1 HE1  sing N N 134 
HIS NE2 HE2  sing N N 135 
HIS OXT HXT  sing N N 136 
HOH O   H1   sing N N 137 
HOH O   H2   sing N N 138 
ILE N   CA   sing N N 139 
ILE N   H    sing N N 140 
ILE N   H2   sing N N 141 
ILE CA  C    sing N N 142 
ILE CA  CB   sing N N 143 
ILE CA  HA   sing N N 144 
ILE C   O    doub N N 145 
ILE C   OXT  sing N N 146 
ILE CB  CG1  sing N N 147 
ILE CB  CG2  sing N N 148 
ILE CB  HB   sing N N 149 
ILE CG1 CD1  sing N N 150 
ILE CG1 HG12 sing N N 151 
ILE CG1 HG13 sing N N 152 
ILE CG2 HG21 sing N N 153 
ILE CG2 HG22 sing N N 154 
ILE CG2 HG23 sing N N 155 
ILE CD1 HD11 sing N N 156 
ILE CD1 HD12 sing N N 157 
ILE CD1 HD13 sing N N 158 
ILE OXT HXT  sing N N 159 
LEU N   CA   sing N N 160 
LEU N   H    sing N N 161 
LEU N   H2   sing N N 162 
LEU CA  C    sing N N 163 
LEU CA  CB   sing N N 164 
LEU CA  HA   sing N N 165 
LEU C   O    doub N N 166 
LEU C   OXT  sing N N 167 
LEU CB  CG   sing N N 168 
LEU CB  HB2  sing N N 169 
LEU CB  HB3  sing N N 170 
LEU CG  CD1  sing N N 171 
LEU CG  CD2  sing N N 172 
LEU CG  HG   sing N N 173 
LEU CD1 HD11 sing N N 174 
LEU CD1 HD12 sing N N 175 
LEU CD1 HD13 sing N N 176 
LEU CD2 HD21 sing N N 177 
LEU CD2 HD22 sing N N 178 
LEU CD2 HD23 sing N N 179 
LEU OXT HXT  sing N N 180 
LYS N   CA   sing N N 181 
LYS N   H    sing N N 182 
LYS N   H2   sing N N 183 
LYS CA  C    sing N N 184 
LYS CA  CB   sing N N 185 
LYS CA  HA   sing N N 186 
LYS C   O    doub N N 187 
LYS C   OXT  sing N N 188 
LYS CB  CG   sing N N 189 
LYS CB  HB2  sing N N 190 
LYS CB  HB3  sing N N 191 
LYS CG  CD   sing N N 192 
LYS CG  HG2  sing N N 193 
LYS CG  HG3  sing N N 194 
LYS CD  CE   sing N N 195 
LYS CD  HD2  sing N N 196 
LYS CD  HD3  sing N N 197 
LYS CE  NZ   sing N N 198 
LYS CE  HE2  sing N N 199 
LYS CE  HE3  sing N N 200 
LYS NZ  HZ1  sing N N 201 
LYS NZ  HZ2  sing N N 202 
LYS NZ  HZ3  sing N N 203 
LYS OXT HXT  sing N N 204 
MET N   CA   sing N N 205 
MET N   H    sing N N 206 
MET N   H2   sing N N 207 
MET CA  C    sing N N 208 
MET CA  CB   sing N N 209 
MET CA  HA   sing N N 210 
MET C   O    doub N N 211 
MET C   OXT  sing N N 212 
MET CB  CG   sing N N 213 
MET CB  HB2  sing N N 214 
MET CB  HB3  sing N N 215 
MET CG  SD   sing N N 216 
MET CG  HG2  sing N N 217 
MET CG  HG3  sing N N 218 
MET SD  CE   sing N N 219 
MET CE  HE1  sing N N 220 
MET CE  HE2  sing N N 221 
MET CE  HE3  sing N N 222 
MET OXT HXT  sing N N 223 
PHE N   CA   sing N N 224 
PHE N   H    sing N N 225 
PHE N   H2   sing N N 226 
PHE CA  C    sing N N 227 
PHE CA  CB   sing N N 228 
PHE CA  HA   sing N N 229 
PHE C   O    doub N N 230 
PHE C   OXT  sing N N 231 
PHE CB  CG   sing N N 232 
PHE CB  HB2  sing N N 233 
PHE CB  HB3  sing N N 234 
PHE CG  CD1  doub Y N 235 
PHE CG  CD2  sing Y N 236 
PHE CD1 CE1  sing Y N 237 
PHE CD1 HD1  sing N N 238 
PHE CD2 CE2  doub Y N 239 
PHE CD2 HD2  sing N N 240 
PHE CE1 CZ   doub Y N 241 
PHE CE1 HE1  sing N N 242 
PHE CE2 CZ   sing Y N 243 
PHE CE2 HE2  sing N N 244 
PHE CZ  HZ   sing N N 245 
PHE OXT HXT  sing N N 246 
PRO N   CA   sing N N 247 
PRO N   CD   sing N N 248 
PRO N   H    sing N N 249 
PRO CA  C    sing N N 250 
PRO CA  CB   sing N N 251 
PRO CA  HA   sing N N 252 
PRO C   O    doub N N 253 
PRO C   OXT  sing N N 254 
PRO CB  CG   sing N N 255 
PRO CB  HB2  sing N N 256 
PRO CB  HB3  sing N N 257 
PRO CG  CD   sing N N 258 
PRO CG  HG2  sing N N 259 
PRO CG  HG3  sing N N 260 
PRO CD  HD2  sing N N 261 
PRO CD  HD3  sing N N 262 
PRO OXT HXT  sing N N 263 
SER N   CA   sing N N 264 
SER N   H    sing N N 265 
SER N   H2   sing N N 266 
SER CA  C    sing N N 267 
SER CA  CB   sing N N 268 
SER CA  HA   sing N N 269 
SER C   O    doub N N 270 
SER C   OXT  sing N N 271 
SER CB  OG   sing N N 272 
SER CB  HB2  sing N N 273 
SER CB  HB3  sing N N 274 
SER OG  HG   sing N N 275 
SER OXT HXT  sing N N 276 
THR N   CA   sing N N 277 
THR N   H    sing N N 278 
THR N   H2   sing N N 279 
THR CA  C    sing N N 280 
THR CA  CB   sing N N 281 
THR CA  HA   sing N N 282 
THR C   O    doub N N 283 
THR C   OXT  sing N N 284 
THR CB  OG1  sing N N 285 
THR CB  CG2  sing N N 286 
THR CB  HB   sing N N 287 
THR OG1 HG1  sing N N 288 
THR CG2 HG21 sing N N 289 
THR CG2 HG22 sing N N 290 
THR CG2 HG23 sing N N 291 
THR OXT HXT  sing N N 292 
TRP N   CA   sing N N 293 
TRP N   H    sing N N 294 
TRP N   H2   sing N N 295 
TRP CA  C    sing N N 296 
TRP CA  CB   sing N N 297 
TRP CA  HA   sing N N 298 
TRP C   O    doub N N 299 
TRP C   OXT  sing N N 300 
TRP CB  CG   sing N N 301 
TRP CB  HB2  sing N N 302 
TRP CB  HB3  sing N N 303 
TRP CG  CD1  doub Y N 304 
TRP CG  CD2  sing Y N 305 
TRP CD1 NE1  sing Y N 306 
TRP CD1 HD1  sing N N 307 
TRP CD2 CE2  doub Y N 308 
TRP CD2 CE3  sing Y N 309 
TRP NE1 CE2  sing Y N 310 
TRP NE1 HE1  sing N N 311 
TRP CE2 CZ2  sing Y N 312 
TRP CE3 CZ3  doub Y N 313 
TRP CE3 HE3  sing N N 314 
TRP CZ2 CH2  doub Y N 315 
TRP CZ2 HZ2  sing N N 316 
TRP CZ3 CH2  sing Y N 317 
TRP CZ3 HZ3  sing N N 318 
TRP CH2 HH2  sing N N 319 
TRP OXT HXT  sing N N 320 
TYR N   CA   sing N N 321 
TYR N   H    sing N N 322 
TYR N   H2   sing N N 323 
TYR CA  C    sing N N 324 
TYR CA  CB   sing N N 325 
TYR CA  HA   sing N N 326 
TYR C   O    doub N N 327 
TYR C   OXT  sing N N 328 
TYR CB  CG   sing N N 329 
TYR CB  HB2  sing N N 330 
TYR CB  HB3  sing N N 331 
TYR CG  CD1  doub Y N 332 
TYR CG  CD2  sing Y N 333 
TYR CD1 CE1  sing Y N 334 
TYR CD1 HD1  sing N N 335 
TYR CD2 CE2  doub Y N 336 
TYR CD2 HD2  sing N N 337 
TYR CE1 CZ   doub Y N 338 
TYR CE1 HE1  sing N N 339 
TYR CE2 CZ   sing Y N 340 
TYR CE2 HE2  sing N N 341 
TYR CZ  OH   sing N N 342 
TYR OH  HH   sing N N 343 
TYR OXT HXT  sing N N 344 
VAL N   CA   sing N N 345 
VAL N   H    sing N N 346 
VAL N   H2   sing N N 347 
VAL CA  C    sing N N 348 
VAL CA  CB   sing N N 349 
VAL CA  HA   sing N N 350 
VAL C   O    doub N N 351 
VAL C   OXT  sing N N 352 
VAL CB  CG1  sing N N 353 
VAL CB  CG2  sing N N 354 
VAL CB  HB   sing N N 355 
VAL CG1 HG11 sing N N 356 
VAL CG1 HG12 sing N N 357 
VAL CG1 HG13 sing N N 358 
VAL CG2 HG21 sing N N 359 
VAL CG2 HG22 sing N N 360 
VAL CG2 HG23 sing N N 361 
VAL OXT HXT  sing N N 362 
# 
_atom_sites.entry_id                    3FT9 
_atom_sites.fract_transf_matrix[1][1]   -0.02774955 
_atom_sites.fract_transf_matrix[1][2]   0.01586809 
_atom_sites.fract_transf_matrix[1][3]   0.02496143 
_atom_sites.fract_transf_matrix[2][1]   0.01558400 
_atom_sites.fract_transf_matrix[2][2]   0.00850343 
_atom_sites.fract_transf_matrix[2][3]   0.01191903 
_atom_sites.fract_transf_matrix[3][1]   -0.00136641 
_atom_sites.fract_transf_matrix[3][2]   0.02285401 
_atom_sites.fract_transf_matrix[3][3]   -0.01451824 
_atom_sites.fract_transf_vector[1]      -0.456246 
_atom_sites.fract_transf_vector[2]      -0.044583 
_atom_sites.fract_transf_vector[3]      -0.196703 
# 
loop_
_atom_type.symbol 
C 
N 
O 
S 
# 
loop_
_atom_site.group_PDB 
_atom_site.id 
_atom_site.type_symbol 
_atom_site.label_atom_id 
_atom_site.label_alt_id 
_atom_site.label_comp_id 
_atom_site.label_asym_id 
_atom_site.label_entity_id 
_atom_site.label_seq_id 
_atom_site.pdbx_PDB_ins_code 
_atom_site.Cartn_x 
_atom_site.Cartn_y 
_atom_site.Cartn_z 
_atom_site.occupancy 
_atom_site.B_iso_or_equiv 
_atom_site.pdbx_formal_charge 
_atom_site.auth_seq_id 
_atom_site.auth_comp_id 
_atom_site.auth_asym_id 
_atom_site.auth_atom_id 
_atom_site.pdbx_PDB_model_num 
ATOM   1   N N   . VAL A 1 2  ? -5.737  15.587  -2.114  1.00 41.32 ? 2   VAL A N   1 
ATOM   2   C CA  . VAL A 1 2  ? -4.509  14.666  -2.158  1.00 41.62 ? 2   VAL A CA  1 
ATOM   3   C C   . VAL A 1 2  ? -4.364  13.665  -0.995  1.00 40.28 ? 2   VAL A C   1 
ATOM   4   O O   . VAL A 1 2  ? -3.510  13.772  -0.067  1.00 40.43 ? 2   VAL A O   1 
ATOM   5   C CB  . VAL A 1 2  ? -3.258  15.432  -2.416  1.00 41.64 ? 2   VAL A CB  1 
ATOM   6   C CG1 . VAL A 1 2  ? -3.554  16.928  -2.319  1.00 44.20 ? 2   VAL A CG1 1 
ATOM   7   C CG2 . VAL A 1 2  ? -2.160  14.947  -1.483  1.00 43.41 ? 2   VAL A CG2 1 
ATOM   8   N N   . GLN A 1 3  ? -5.228  12.662  -1.088  1.00 38.37 ? 3   GLN A N   1 
ATOM   9   C CA  . GLN A 1 3  ? -5.719  11.899  0.040   1.00 37.06 ? 3   GLN A CA  1 
ATOM   10  C C   . GLN A 1 3  ? -5.613  10.441  -0.365  1.00 34.02 ? 3   GLN A C   1 
ATOM   11  O O   . GLN A 1 3  ? -5.918  10.117  -1.507  1.00 32.94 ? 3   GLN A O   1 
ATOM   12  C CB  . GLN A 1 3  ? -7.237  12.130  0.152   1.00 38.13 ? 3   GLN A CB  1 
ATOM   13  C CG  . GLN A 1 3  ? -7.710  13.465  0.642   1.00 45.15 ? 3   GLN A CG  1 
ATOM   14  C CD  . GLN A 1 3  ? -7.275  13.725  2.083   1.00 52.59 ? 3   GLN A CD  1 
ATOM   15  O OE1 . GLN A 1 3  ? -8.021  13.417  3.040   1.00 56.19 ? 3   GLN A OE1 1 
ATOM   16  N NE2 . GLN A 1 3  ? -6.060  14.277  2.253   1.00 54.69 ? 3   GLN A NE2 1 
ATOM   17  N N   . VAL A 1 4  ? -5.204  9.581   0.546   1.00 30.78 ? 4   VAL A N   1 
ATOM   18  C CA  . VAL A 1 4  ? -5.235  8.138   0.287   1.00 27.76 ? 4   VAL A CA  1 
ATOM   19  C C   . VAL A 1 4  ? -5.717  7.372   1.487   1.00 26.40 ? 4   VAL A C   1 
ATOM   20  O O   . VAL A 1 4  ? -5.262  7.590   2.599   1.00 26.42 ? 4   VAL A O   1 
ATOM   21  C CB  . VAL A 1 4  ? -3.850  7.637   -0.143  1.00 27.54 ? 4   VAL A CB  1 
ATOM   22  C CG1 . VAL A 1 4  ? -3.361  8.555   -1.209  1.00 26.13 ? 4   VAL A CG1 1 
ATOM   23  C CG2 . VAL A 1 4  ? -2.869  7.734   1.018   1.00 25.60 ? 4   VAL A CG2 1 
ATOM   24  N N   . THR A 1 5  ? -6.588  6.416   1.248   1.00 25.15 ? 5   THR A N   1 
ATOM   25  C CA  . THR A 1 5  ? -6.900  5.431   2.247   1.00 25.29 ? 5   THR A CA  1 
ATOM   26  C C   . THR A 1 5  ? -6.527  4.060   1.632   1.00 23.00 ? 5   THR A C   1 
ATOM   27  O O   . THR A 1 5  ? -6.429  3.942   0.390   1.00 23.50 ? 5   THR A O   1 
ATOM   28  C CB  . THR A 1 5  ? -8.393  5.466   2.629   1.00 24.73 ? 5   THR A CB  1 
ATOM   29  O OG1 . THR A 1 5  ? -9.115  5.055   1.502   1.00 27.58 ? 5   THR A OG1 1 
ATOM   30  C CG2 . THR A 1 5  ? -8.859  6.916   2.922   1.00 27.26 ? 5   THR A CG2 1 
ATOM   31  N N   . PHE A 1 6  ? -6.280  3.098   2.512   1.00 20.34 ? 6   PHE A N   1 
ATOM   32  C CA  . PHE A 1 6  ? -5.911  1.708   2.199   1.00 20.43 ? 6   PHE A CA  1 
ATOM   33  C C   . PHE A 1 6  ? -6.863  0.903   3.085   1.00 22.16 ? 6   PHE A C   1 
ATOM   34  O O   . PHE A 1 6  ? -6.772  0.999   4.322   1.00 22.89 ? 6   PHE A O   1 
ATOM   35  C CB  . PHE A 1 6  ? -4.515  1.359   2.740   1.00 16.99 ? 6   PHE A CB  1 
ATOM   36  C CG  . PHE A 1 6  ? -3.390  2.263   2.216   1.00 19.59 ? 6   PHE A CG  1 
ATOM   37  C CD1 . PHE A 1 6  ? -2.454  1.799   1.235   1.00 13.40 ? 6   PHE A CD1 1 
ATOM   38  C CD2 . PHE A 1 6  ? -3.206  3.544   2.773   1.00 16.82 ? 6   PHE A CD2 1 
ATOM   39  C CE1 . PHE A 1 6  ? -1.468  2.645   0.687   1.00 16.81 ? 6   PHE A CE1 1 
ATOM   40  C CE2 . PHE A 1 6  ? -2.211  4.391   2.271   1.00 20.53 ? 6   PHE A CE2 1 
ATOM   41  C CZ  . PHE A 1 6  ? -1.316  3.944   1.225   1.00 20.01 ? 6   PHE A CZ  1 
ATOM   42  N N   . THR A 1 7  ? -7.742  0.079   2.486   1.00 20.73 ? 7   THR A N   1 
ATOM   43  C CA  . THR A 1 7  ? -8.509  -0.895  3.235   1.00 18.95 ? 7   THR A CA  1 
ATOM   44  C C   . THR A 1 7  ? -7.929  -2.308  3.012   1.00 18.59 ? 7   THR A C   1 
ATOM   45  O O   . THR A 1 7  ? -7.809  -2.736  1.891   1.00 20.78 ? 7   THR A O   1 
ATOM   46  C CB  . THR A 1 7  ? -9.897  -0.876  2.746   1.00 18.65 ? 7   THR A CB  1 
ATOM   47  O OG1 . THR A 1 7  ? -10.323 0.481   2.726   1.00 24.96 ? 7   THR A OG1 1 
ATOM   48  C CG2 . THR A 1 7  ? -10.824 -1.648  3.640   1.00 19.05 ? 7   THR A CG2 1 
ATOM   49  N N   . VAL A 1 8  ? -7.583  -3.029  4.062   1.00 18.66 ? 8   VAL A N   1 
ATOM   50  C CA  . VAL A 1 8  ? -7.081  -4.399  3.931   1.00 18.54 ? 8   VAL A CA  1 
ATOM   51  C C   . VAL A 1 8  ? -8.209  -5.344  3.414   1.00 21.48 ? 8   VAL A C   1 
ATOM   52  O O   . VAL A 1 8  ? -9.296  -5.363  3.995   1.00 22.59 ? 8   VAL A O   1 
ATOM   53  C CB  . VAL A 1 8  ? -6.436  -4.905  5.206   1.00 16.97 ? 8   VAL A CB  1 
ATOM   54  C CG1 . VAL A 1 8  ? -5.909  -6.405  5.082   1.00 12.90 ? 8   VAL A CG1 1 
ATOM   55  C CG2 . VAL A 1 8  ? -5.288  -3.992  5.555   1.00 14.96 ? 8   VAL A CG2 1 
ATOM   56  N N   . GLN A 1 9  ? -7.953  -6.083  2.332   1.00 20.74 ? 9   GLN A N   1 
ATOM   57  C CA  . GLN A 1 9  ? -8.967  -6.939  1.754   1.00 21.91 ? 9   GLN A CA  1 
ATOM   58  C C   . GLN A 1 9  ? -8.798  -8.365  2.263   1.00 23.14 ? 9   GLN A C   1 
ATOM   59  O O   . GLN A 1 9  ? -7.656  -8.854  2.480   1.00 22.40 ? 9   GLN A O   1 
ATOM   60  C CB  . GLN A 1 9  ? -8.878  -6.941  0.241   1.00 21.96 ? 9   GLN A CB  1 
ATOM   61  C CG  . GLN A 1 9  ? -9.043  -5.586  -0.330  1.00 21.47 ? 9   GLN A CG  1 
ATOM   62  C CD  . GLN A 1 9  ? -10.415 -5.057  -0.046  1.00 28.67 ? 9   GLN A CD  1 
ATOM   63  O OE1 . GLN A 1 9  ? -10.623 -4.309  0.902   1.00 32.25 ? 9   GLN A OE1 1 
ATOM   64  N NE2 . GLN A 1 9  ? -11.381 -5.425  -0.888  1.00 30.03 ? 9   GLN A NE2 1 
ATOM   65  N N   . LYS A 1 10 ? -9.950  -9.050  2.423   1.00 25.19 ? 10  LYS A N   1 
ATOM   66  C CA  . LYS A 1 10 ? -9.991  -10.496 2.690   1.00 27.31 ? 10  LYS A CA  1 
ATOM   67  C C   . LYS A 1 10 ? -9.094  -11.158 1.662   1.00 26.22 ? 10  LYS A C   1 
ATOM   68  O O   . LYS A 1 10 ? -9.056  -10.733 0.501   1.00 27.93 ? 10  LYS A O   1 
ATOM   69  C CB  . LYS A 1 10 ? -11.421 -11.031 2.608   1.00 28.64 ? 10  LYS A CB  1 
ATOM   70  C CG  . LYS A 1 10 ? -12.266 -10.575 3.769   1.00 32.16 ? 10  LYS A CG  1 
ATOM   71  C CD  . LYS A 1 10 ? -13.169 -11.739 4.323   1.00 44.79 ? 10  LYS A CD  1 
ATOM   72  C CE  . LYS A 1 10 ? -12.613 -12.387 5.618   1.00 45.06 ? 10  LYS A CE  1 
ATOM   73  N NZ  . LYS A 1 10 ? -11.231 -12.930 5.358   1.00 49.45 ? 10  LYS A NZ  1 
ATOM   74  N N   . GLY A 1 11 ? -8.291  -12.135 2.067   1.00 26.86 ? 11  GLY A N   1 
ATOM   75  C CA  . GLY A 1 11 ? -7.294  -12.607 1.101   1.00 24.93 ? 11  GLY A CA  1 
ATOM   76  C C   . GLY A 1 11 ? -5.896  -12.177 1.485   1.00 25.88 ? 11  GLY A C   1 
ATOM   77  O O   . GLY A 1 11 ? -4.907  -12.804 1.033   1.00 25.89 ? 11  GLY A O   1 
ATOM   78  N N   . SER A 1 12 ? -5.784  -11.136 2.345   1.00 23.82 ? 12  SER A N   1 
ATOM   79  C CA  . SER A 1 12 ? -4.469  -10.760 2.874   1.00 23.34 ? 12  SER A CA  1 
ATOM   80  C C   . SER A 1 12 ? -4.070  -11.828 3.918   1.00 23.25 ? 12  SER A C   1 
ATOM   81  O O   . SER A 1 12 ? -4.940  -12.492 4.492   1.00 24.89 ? 12  SER A O   1 
ATOM   82  C CB  . SER A 1 12 ? -4.519  -9.386  3.550   1.00 21.07 ? 12  SER A CB  1 
ATOM   83  O OG  . SER A 1 12 ? -5.020  -8.374  2.621   1.00 18.90 ? 12  SER A OG  1 
ATOM   84  N N   . ASP A 1 13 ? -2.774  -11.996 4.160   1.00 22.74 ? 13  ASP A N   1 
ATOM   85  C CA  . ASP A 1 13 ? -2.281  -12.901 5.209   1.00 22.43 ? 13  ASP A CA  1 
ATOM   86  C C   . ASP A 1 13 ? -0.908  -12.322 5.582   1.00 21.80 ? 13  ASP A C   1 
ATOM   87  O O   . ASP A 1 13 ? -0.548  -11.338 4.999   1.00 18.99 ? 13  ASP A O   1 
ATOM   88  C CB  . ASP A 1 13 ? -2.230  -14.349 4.746   1.00 20.39 ? 13  ASP A CB  1 
ATOM   89  C CG  . ASP A 1 13 ? -1.353  -14.552 3.537   1.00 26.21 ? 13  ASP A CG  1 
ATOM   90  O OD1 . ASP A 1 13 ? -0.138  -14.242 3.670   1.00 24.16 ? 13  ASP A OD1 1 
ATOM   91  O OD2 . ASP A 1 13 ? -1.835  -15.021 2.433   1.00 23.41 ? 13  ASP A OD2 1 
ATOM   92  N N   . PRO A 1 14 ? -0.158  -12.951 6.529   1.00 22.58 ? 14  PRO A N   1 
ATOM   93  C CA  . PRO A 1 14 ? 1.125   -12.423 6.951   1.00 22.32 ? 14  PRO A CA  1 
ATOM   94  C C   . PRO A 1 14 ? 2.159   -12.259 5.836   1.00 21.78 ? 14  PRO A C   1 
ATOM   95  O O   . PRO A 1 14 ? 3.104   -11.548 5.998   1.00 24.18 ? 14  PRO A O   1 
ATOM   96  C CB  . PRO A 1 14 ? 1.572   -13.468 7.994   1.00 21.39 ? 14  PRO A CB  1 
ATOM   97  C CG  . PRO A 1 14 ? 0.295   -14.025 8.565   1.00 20.45 ? 14  PRO A CG  1 
ATOM   98  C CD  . PRO A 1 14 ? -0.483  -14.179 7.308   1.00 22.40 ? 14  PRO A CD  1 
ATOM   99  N N   . LYS A 1 15 ? 2.020   -12.944 4.719   1.00 20.81 ? 15  LYS A N   1 
ATOM   100 C CA  . LYS A 1 15 ? 2.975   -12.810 3.670   1.00 19.64 ? 15  LYS A CA  1 
ATOM   101 C C   . LYS A 1 15 ? 2.430   -12.048 2.460   1.00 19.63 ? 15  LYS A C   1 
ATOM   102 O O   . LYS A 1 15 ? 3.100   -12.002 1.442   1.00 19.05 ? 15  LYS A O   1 
ATOM   103 C CB  . LYS A 1 15 ? 3.310   -14.170 3.163   1.00 19.80 ? 15  LYS A CB  1 
ATOM   104 C CG  . LYS A 1 15 ? 4.062   -15.002 4.227   1.00 25.12 ? 15  LYS A CG  1 
ATOM   105 C CD  . LYS A 1 15 ? 5.246   -15.782 3.674   1.00 30.05 ? 15  LYS A CD  1 
ATOM   106 C CE  . LYS A 1 15 ? 4.893   -17.238 3.472   1.00 33.49 ? 15  LYS A CE  1 
ATOM   107 N NZ  . LYS A 1 15 ? 3.390   -17.347 3.310   1.00 38.28 ? 15  LYS A NZ  1 
ATOM   108 N N   . LYS A 1 16 ? 1.209   -11.547 2.570   1.00 18.83 ? 16  LYS A N   1 
ATOM   109 C CA  . LYS A 1 16 ? 0.479   -11.047 1.422   1.00 20.10 ? 16  LYS A CA  1 
ATOM   110 C C   . LYS A 1 16 ? -0.492  -9.949  1.796   1.00 18.32 ? 16  LYS A C   1 
ATOM   111 O O   . LYS A 1 16 ? -1.437  -10.163 2.527   1.00 17.84 ? 16  LYS A O   1 
ATOM   112 C CB  . LYS A 1 16 ? -0.280  -12.169 0.687   1.00 21.05 ? 16  LYS A CB  1 
ATOM   113 C CG  . LYS A 1 16 ? -0.871  -11.629 -0.650  1.00 23.91 ? 16  LYS A CG  1 
ATOM   114 C CD  . LYS A 1 16 ? -1.108  -12.749 -1.579  1.00 32.21 ? 16  LYS A CD  1 
ATOM   115 C CE  . LYS A 1 16 ? -2.529  -13.305 -1.447  1.00 35.81 ? 16  LYS A CE  1 
ATOM   116 N NZ  . LYS A 1 16 ? -3.073  -13.391 -2.848  1.00 40.33 ? 16  LYS A NZ  1 
ATOM   117 N N   . LEU A 1 17 ? -0.261  -8.730  1.307   1.00 19.26 ? 17  LEU A N   1 
ATOM   118 C CA  . LEU A 1 17 ? -1.276  -7.725  1.552   1.00 18.03 ? 17  LEU A CA  1 
ATOM   119 C C   . LEU A 1 17 ? -2.108  -7.425  0.318   1.00 18.18 ? 17  LEU A C   1 
ATOM   120 O O   . LEU A 1 17 ? -1.563  -7.207  -0.734  1.00 17.92 ? 17  LEU A O   1 
ATOM   121 C CB  . LEU A 1 17 ? -0.588  -6.412  1.924   1.00 20.87 ? 17  LEU A CB  1 
ATOM   122 C CG  . LEU A 1 17 ? -0.266  -6.113  3.351   1.00 19.25 ? 17  LEU A CG  1 
ATOM   123 C CD1 . LEU A 1 17 ? 0.643   -4.764  3.330   1.00 20.31 ? 17  LEU A CD1 1 
ATOM   124 C CD2 . LEU A 1 17 ? -1.635  -5.983  4.161   1.00 21.90 ? 17  LEU A CD2 1 
ATOM   125 N N   . VAL A 1 18 ? -3.428  -7.412  0.452   1.00 16.74 ? 18  VAL A N   1 
ATOM   126 C CA  . VAL A 1 18 ? -4.249  -7.049  -0.661  1.00 15.75 ? 18  VAL A CA  1 
ATOM   127 C C   . VAL A 1 18 ? -5.030  -5.842  -0.174  1.00 15.96 ? 18  VAL A C   1 
ATOM   128 O O   . VAL A 1 18 ? -5.687  -5.875  0.906   1.00 15.52 ? 18  VAL A O   1 
ATOM   129 C CB  . VAL A 1 18 ? -5.221  -8.139  -1.019  1.00 17.40 ? 18  VAL A CB  1 
ATOM   130 C CG1 . VAL A 1 18 ? -5.972  -7.767  -2.221  1.00 14.53 ? 18  VAL A CG1 1 
ATOM   131 C CG2 . VAL A 1 18 ? -4.483  -9.417  -1.170  1.00 14.67 ? 18  VAL A CG2 1 
ATOM   132 N N   . LEU A 1 19 ? -4.903  -4.758  -0.945  1.00 16.10 ? 19  LEU A N   1 
ATOM   133 C CA  . LEU A 1 19 ? -5.351  -3.452  -0.466  1.00 15.97 ? 19  LEU A CA  1 
ATOM   134 C C   . LEU A 1 19 ? -6.201  -2.793  -1.507  1.00 16.82 ? 19  LEU A C   1 
ATOM   135 O O   . LEU A 1 19 ? -5.805  -2.688  -2.723  1.00 18.28 ? 19  LEU A O   1 
ATOM   136 C CB  . LEU A 1 19 ? -4.177  -2.508  -0.112  1.00 15.00 ? 19  LEU A CB  1 
ATOM   137 C CG  . LEU A 1 19 ? -3.165  -2.996  0.957   1.00 16.33 ? 19  LEU A CG  1 
ATOM   138 C CD1 . LEU A 1 19 ? -1.793  -2.277  0.946   1.00 13.07 ? 19  LEU A CD1 1 
ATOM   139 C CD2 . LEU A 1 19 ? -3.746  -3.049  2.389   1.00 15.19 ? 19  LEU A CD2 1 
ATOM   140 N N   . ASP A 1 20 ? -7.338  -2.304  -1.038  1.00 17.49 ? 20  ASP A N   1 
ATOM   141 C CA  . ASP A 1 20 ? -8.148  -1.407  -1.841  1.00 19.62 ? 20  ASP A CA  1 
ATOM   142 C C   . ASP A 1 20 ? -7.669  0.017   -1.505  1.00 19.36 ? 20  ASP A C   1 
ATOM   143 O O   . ASP A 1 20 ? -7.816  0.474   -0.416  1.00 17.95 ? 20  ASP A O   1 
ATOM   144 C CB  . ASP A 1 20 ? -9.636  -1.649  -1.496  1.00 19.87 ? 20  ASP A CB  1 
ATOM   145 C CG  . ASP A 1 20 ? -10.601 -0.627  -2.158  1.00 24.92 ? 20  ASP A CG  1 
ATOM   146 O OD1 . ASP A 1 20 ? -10.194 0.185   -3.048  1.00 28.53 ? 20  ASP A OD1 1 
ATOM   147 O OD2 . ASP A 1 20 ? -11.772 -0.609  -1.680  1.00 29.71 ? 20  ASP A OD2 1 
ATOM   148 N N   . ILE A 1 21 ? -7.129  0.698   -2.496  1.00 19.32 ? 21  ILE A N   1 
ATOM   149 C CA  . ILE A 1 21 ? -6.480  1.939   -2.257  1.00 20.51 ? 21  ILE A CA  1 
ATOM   150 C C   . ILE A 1 21 ? -7.336  3.041   -2.928  1.00 23.69 ? 21  ILE A C   1 
ATOM   151 O O   . ILE A 1 21 ? -7.513  3.026   -4.136  1.00 25.52 ? 21  ILE A O   1 
ATOM   152 C CB  . ILE A 1 21 ? -5.008  1.978   -2.776  1.00 19.55 ? 21  ILE A CB  1 
ATOM   153 C CG1 . ILE A 1 21 ? -4.152  0.818   -2.086  1.00 17.03 ? 21  ILE A CG1 1 
ATOM   154 C CG2 . ILE A 1 21 ? -4.491  3.459   -2.603  1.00 15.51 ? 21  ILE A CG2 1 
ATOM   155 C CD1 . ILE A 1 21 ? -2.684  0.799   -2.412  1.00 17.47 ? 21  ILE A CD1 1 
ATOM   156 N N   . LYS A 1 22 ? -7.882  3.967   -2.168  1.00 24.39 ? 22  LYS A N   1 
ATOM   157 C CA  . LYS A 1 22 ? -8.555  5.094   -2.842  1.00 26.70 ? 22  LYS A CA  1 
ATOM   158 C C   . LYS A 1 22 ? -7.693  6.304   -2.836  1.00 27.19 ? 22  LYS A C   1 
ATOM   159 O O   . LYS A 1 22 ? -7.420  6.793   -1.792  1.00 29.71 ? 22  LYS A O   1 
ATOM   160 C CB  . LYS A 1 22 ? -9.851  5.412   -2.124  1.00 27.52 ? 22  LYS A CB  1 
ATOM   161 C CG  . LYS A 1 22 ? -10.746 4.117   -1.937  1.00 33.18 ? 22  LYS A CG  1 
ATOM   162 C CD  . LYS A 1 22 ? -11.414 3.705   -3.267  1.00 40.87 ? 22  LYS A CD  1 
ATOM   163 C CE  . LYS A 1 22 ? -10.374 3.358   -4.454  1.00 44.99 ? 22  LYS A CE  1 
ATOM   164 N NZ  . LYS A 1 22 ? -10.836 3.575   -5.919  1.00 41.00 ? 22  LYS A NZ  1 
ATOM   165 N N   . TYR A 1 23 ? -7.292  6.776   -4.001  1.00 26.97 ? 23  TYR A N   1 
ATOM   166 C CA  . TYR A 1 23 ? -6.391  7.842   -4.221  1.00 29.69 ? 23  TYR A CA  1 
ATOM   167 C C   . TYR A 1 23 ? -7.116  8.995   -4.901  1.00 33.31 ? 23  TYR A C   1 
ATOM   168 O O   . TYR A 1 23 ? -7.343  8.965   -6.118  1.00 33.92 ? 23  TYR A O   1 
ATOM   169 C CB  . TYR A 1 23 ? -5.363  7.372   -5.242  1.00 28.59 ? 23  TYR A CB  1 
ATOM   170 C CG  . TYR A 1 23 ? -4.279  8.360   -5.605  1.00 28.06 ? 23  TYR A CG  1 
ATOM   171 C CD1 . TYR A 1 23 ? -3.056  8.303   -4.940  1.00 24.49 ? 23  TYR A CD1 1 
ATOM   172 C CD2 . TYR A 1 23 ? -4.399  9.257   -6.680  1.00 22.02 ? 23  TYR A CD2 1 
ATOM   173 C CE1 . TYR A 1 23 ? -1.984  9.151   -5.279  1.00 29.10 ? 23  TYR A CE1 1 
ATOM   174 C CE2 . TYR A 1 23 ? -3.306  10.158  -7.008  1.00 26.37 ? 23  TYR A CE2 1 
ATOM   175 C CZ  . TYR A 1 23 ? -2.104  10.103  -6.272  1.00 23.17 ? 23  TYR A CZ  1 
ATOM   176 O OH  . TYR A 1 23 ? -0.993  10.924  -6.446  1.00 22.27 ? 23  TYR A OH  1 
ATOM   177 N N   . THR A 1 24 ? -7.412  10.028  -4.121  1.00 35.29 ? 24  THR A N   1 
ATOM   178 C CA  . THR A 1 24 ? -7.852  11.350  -4.622  1.00 36.75 ? 24  THR A CA  1 
ATOM   179 C C   . THR A 1 24 ? -6.800  12.422  -4.739  1.00 37.92 ? 24  THR A C   1 
ATOM   180 O O   . THR A 1 24 ? -6.110  12.757  -3.753  1.00 37.44 ? 24  THR A O   1 
ATOM   181 C CB  . THR A 1 24 ? -8.858  11.827  -3.705  1.00 35.74 ? 24  THR A CB  1 
ATOM   182 O OG1 . THR A 1 24 ? -9.802  10.757  -3.655  1.00 35.53 ? 24  THR A OG1 1 
ATOM   183 C CG2 . THR A 1 24 ? -9.516  13.091  -4.238  1.00 37.61 ? 24  THR A CG2 1 
ATOM   184 N N   . ARG A 1 25 ? -6.650  12.919  -5.974  1.00 38.32 ? 25  ARG A N   1 
ATOM   185 C CA  . ARG A 1 25 ? -5.766  13.995  -6.267  1.00 39.19 ? 25  ARG A CA  1 
ATOM   186 C C   . ARG A 1 25 ? -6.359  14.738  -7.453  1.00 39.12 ? 25  ARG A C   1 
ATOM   187 O O   . ARG A 1 25 ? -6.215  14.278  -8.599  1.00 38.13 ? 25  ARG A O   1 
ATOM   188 C CB  . ARG A 1 25 ? -4.451  13.410  -6.667  1.00 39.60 ? 25  ARG A CB  1 
ATOM   189 C CG  . ARG A 1 25 ? -3.379  14.420  -6.790  1.00 44.47 ? 25  ARG A CG  1 
ATOM   190 C CD  . ARG A 1 25 ? -2.087  13.703  -7.196  1.00 52.98 ? 25  ARG A CD  1 
ATOM   191 N NE  . ARG A 1 25 ? -1.120  14.726  -7.515  1.00 58.01 ? 25  ARG A NE  1 
ATOM   192 C CZ  . ARG A 1 25 ? -0.151  15.133  -6.711  1.00 60.97 ? 25  ARG A CZ  1 
ATOM   193 N NH1 . ARG A 1 25 ? 0.048   14.546  -5.527  1.00 60.98 ? 25  ARG A NH1 1 
ATOM   194 N NH2 . ARG A 1 25 ? 0.632   16.130  -7.131  1.00 61.81 ? 25  ARG A NH2 1 
ATOM   195 N N   . PRO A 1 26 ? -7.100  15.835  -7.201  1.00 39.47 ? 26  PRO A N   1 
ATOM   196 C CA  . PRO A 1 26 ? -7.736  16.499  -8.367  1.00 39.20 ? 26  PRO A CA  1 
ATOM   197 C C   . PRO A 1 26 ? -6.840  16.705  -9.636  1.00 37.95 ? 26  PRO A C   1 
ATOM   198 O O   . PRO A 1 26 ? -5.707  17.211  -9.518  1.00 38.74 ? 26  PRO A O   1 
ATOM   199 C CB  . PRO A 1 26 ? -8.230  17.806  -7.762  1.00 39.23 ? 26  PRO A CB  1 
ATOM   200 C CG  . PRO A 1 26 ? -8.579  17.364  -6.260  1.00 40.28 ? 26  PRO A CG  1 
ATOM   201 C CD  . PRO A 1 26 ? -7.870  16.086  -5.963  1.00 39.53 ? 26  PRO A CD  1 
ATOM   202 N N   . GLY A 1 27 ? -7.334  16.238  -10.808 1.00 36.48 ? 27  GLY A N   1 
ATOM   203 C CA  . GLY A 1 27 ? -6.674  16.387  -12.120 1.00 34.70 ? 27  GLY A CA  1 
ATOM   204 C C   . GLY A 1 27 ? -5.663  15.326  -12.496 1.00 34.21 ? 27  GLY A C   1 
ATOM   205 O O   . GLY A 1 27 ? -5.056  15.373  -13.567 1.00 33.78 ? 27  GLY A O   1 
ATOM   206 N N   . ASP A 1 28 ? -5.464  14.371  -11.592 1.00 33.66 ? 28  ASP A N   1 
ATOM   207 C CA  . ASP A 1 28 ? -4.467  13.337  -11.711 1.00 32.18 ? 28  ASP A CA  1 
ATOM   208 C C   . ASP A 1 28 ? -5.085  12.030  -11.214 1.00 31.03 ? 28  ASP A C   1 
ATOM   209 O O   . ASP A 1 28 ? -6.241  11.991  -10.742 1.00 29.07 ? 28  ASP A O   1 
ATOM   210 C CB  . ASP A 1 28 ? -3.274  13.648  -10.810 1.00 32.13 ? 28  ASP A CB  1 
ATOM   211 C CG  . ASP A 1 28 ? -1.947  13.097  -11.332 1.00 34.65 ? 28  ASP A CG  1 
ATOM   212 O OD1 . ASP A 1 28 ? -1.821  12.378  -12.366 1.00 31.28 ? 28  ASP A OD1 1 
ATOM   213 O OD2 . ASP A 1 28 ? -0.943  13.409  -10.656 1.00 37.12 ? 28  ASP A OD2 1 
ATOM   214 N N   . SER A 1 29 ? -4.284  10.968  -11.304 1.00 29.71 ? 29  SER A N   1 
ATOM   215 C CA  . SER A 1 29 ? -4.703  9.688   -10.700 1.00 28.95 ? 29  SER A CA  1 
ATOM   216 C C   . SER A 1 29 ? -3.499  8.719   -10.567 1.00 26.50 ? 29  SER A C   1 
ATOM   217 O O   . SER A 1 29 ? -2.380  9.001   -11.029 1.00 24.88 ? 29  SER A O   1 
ATOM   218 C CB  . SER A 1 29 ? -5.867  9.075   -11.485 1.00 30.85 ? 29  SER A CB  1 
ATOM   219 O OG  . SER A 1 29 ? -5.479  8.771   -12.840 1.00 29.97 ? 29  SER A OG  1 
ATOM   220 N N   . LEU A 1 30 ? -3.754  7.579   -9.932  1.00 24.99 ? 30  LEU A N   1 
ATOM   221 C CA  . LEU A 1 30 ? -2.697  6.746   -9.427  1.00 26.26 ? 30  LEU A CA  1 
ATOM   222 C C   . LEU A 1 30 ? -2.075  5.998   -10.548 1.00 25.67 ? 30  LEU A C   1 
ATOM   223 O O   . LEU A 1 30 ? -2.810  5.667   -11.477 1.00 31.89 ? 30  LEU A O   1 
ATOM   224 C CB  . LEU A 1 30 ? -3.317  5.736   -8.468  1.00 27.03 ? 30  LEU A CB  1 
ATOM   225 C CG  . LEU A 1 30 ? -2.307  4.906   -7.708  1.00 24.96 ? 30  LEU A CG  1 
ATOM   226 C CD1 . LEU A 1 30 ? -1.223  5.788   -7.147  1.00 22.68 ? 30  LEU A CD1 1 
ATOM   227 C CD2 . LEU A 1 30 ? -3.132  4.236   -6.616  1.00 28.63 ? 30  LEU A CD2 1 
ATOM   228 N N   . ALA A 1 31 ? -0.767  5.767   -10.558 1.00 23.37 ? 31  ALA A N   1 
ATOM   229 C CA  . ALA A 1 31 ? -0.128  4.921   -11.537 1.00 21.43 ? 31  ALA A CA  1 
ATOM   230 C C   . ALA A 1 31 ? 0.587   3.763   -10.836 1.00 22.25 ? 31  ALA A C   1 
ATOM   231 O O   . ALA A 1 31 ? 0.669   2.618   -11.370 1.00 22.16 ? 31  ALA A O   1 
ATOM   232 C CB  . ALA A 1 31 ? 0.931   5.703   -12.384 1.00 20.33 ? 31  ALA A CB  1 
ATOM   233 N N   . GLU A 1 32 ? 1.248   4.060   -9.729  1.00 20.05 ? 32  GLU A N   1 
ATOM   234 C CA  . GLU A 1 32 ? 2.107   3.016   -9.160  1.00 20.50 ? 32  GLU A CA  1 
ATOM   235 C C   . GLU A 1 32 ? 2.033   3.139   -7.635  1.00 19.72 ? 32  GLU A C   1 
ATOM   236 O O   . GLU A 1 32 ? 1.880   4.289   -7.145  1.00 17.46 ? 32  GLU A O   1 
ATOM   237 C CB  . GLU A 1 32 ? 3.575   3.309   -9.417  1.00 19.83 ? 32  GLU A CB  1 
ATOM   238 C CG  . GLU A 1 32 ? 4.155   2.998   -10.708 1.00 28.18 ? 32  GLU A CG  1 
ATOM   239 C CD  . GLU A 1 32 ? 5.598   3.552   -10.784 1.00 34.15 ? 32  GLU A CD  1 
ATOM   240 O OE1 . GLU A 1 32 ? 6.111   4.175   -9.820  1.00 41.47 ? 32  GLU A OE1 1 
ATOM   241 O OE2 . GLU A 1 32 ? 6.227   3.328   -11.807 1.00 42.37 ? 32  GLU A OE2 1 
ATOM   242 N N   . VAL A 1 33 ? 2.241   2.009   -6.925  1.00 18.36 ? 33  VAL A N   1 
ATOM   243 C CA  . VAL A 1 33 ? 2.345   1.988   -5.460  1.00 17.86 ? 33  VAL A CA  1 
ATOM   244 C C   . VAL A 1 33 ? 3.445   1.024   -5.060  1.00 18.44 ? 33  VAL A C   1 
ATOM   245 O O   . VAL A 1 33 ? 3.550   -0.060  -5.674  1.00 17.58 ? 33  VAL A O   1 
ATOM   246 C CB  . VAL A 1 33 ? 1.076   1.502   -4.808  1.00 19.26 ? 33  VAL A CB  1 
ATOM   247 C CG1 . VAL A 1 33 ? 1.157   1.636   -3.225  1.00 12.21 ? 33  VAL A CG1 1 
ATOM   248 C CG2 . VAL A 1 33 ? -0.057  2.232   -5.396  1.00 18.52 ? 33  VAL A CG2 1 
ATOM   249 N N   . GLU A 1 34 ? 4.260   1.404   -4.054  1.00 16.17 ? 34  GLU A N   1 
ATOM   250 C CA  . GLU A 1 34 ? 5.253   0.490   -3.501  1.00 15.29 ? 34  GLU A CA  1 
ATOM   251 C C   . GLU A 1 34 ? 5.157   0.411   -1.995  1.00 14.94 ? 34  GLU A C   1 
ATOM   252 O O   . GLU A 1 34 ? 4.822   1.417   -1.354  1.00 14.90 ? 34  GLU A O   1 
ATOM   253 C CB  . GLU A 1 34 ? 6.649   0.989   -3.886  1.00 13.22 ? 34  GLU A CB  1 
ATOM   254 C CG  . GLU A 1 34 ? 6.992   0.638   -5.294  1.00 20.50 ? 34  GLU A CG  1 
ATOM   255 C CD  . GLU A 1 34 ? 7.444   1.792   -6.093  1.00 28.82 ? 34  GLU A CD  1 
ATOM   256 O OE1 . GLU A 1 34 ? 8.221   2.540   -5.572  1.00 30.21 ? 34  GLU A OE1 1 
ATOM   257 O OE2 . GLU A 1 34 ? 7.013   1.975   -7.243  1.00 37.52 ? 34  GLU A OE2 1 
ATOM   258 N N   . LEU A 1 35 ? 5.475   -0.751  -1.433  1.00 14.64 ? 35  LEU A N   1 
ATOM   259 C CA  . LEU A 1 35 ? 5.566   -0.925  0.036   1.00 15.53 ? 35  LEU A CA  1 
ATOM   260 C C   . LEU A 1 35 ? 7.028   -0.981  0.465   1.00 15.79 ? 35  LEU A C   1 
ATOM   261 O O   . LEU A 1 35 ? 7.875   -1.534  -0.227  1.00 16.20 ? 35  LEU A O   1 
ATOM   262 C CB  . LEU A 1 35 ? 5.059   -2.238  0.421   1.00 16.44 ? 35  LEU A CB  1 
ATOM   263 C CG  . LEU A 1 35 ? 5.150   -2.621  1.936   1.00 20.19 ? 35  LEU A CG  1 
ATOM   264 C CD1 . LEU A 1 35 ? 3.844   -3.256  2.288   1.00 23.24 ? 35  LEU A CD1 1 
ATOM   265 C CD2 . LEU A 1 35 ? 6.119   -3.672  2.031   1.00 17.29 ? 35  LEU A CD2 1 
ATOM   266 N N   . ARG A 1 36 ? 7.338   -0.447  1.614   1.00 15.68 ? 36  ARG A N   1 
ATOM   267 C CA  . ARG A 1 36 ? 8.681   -0.652  2.171   1.00 16.86 ? 36  ARG A CA  1 
ATOM   268 C C   . ARG A 1 36 ? 8.452   -1.242  3.597   1.00 17.36 ? 36  ARG A C   1 
ATOM   269 O O   . ARG A 1 36 ? 7.796   -0.626  4.410   1.00 18.38 ? 36  ARG A O   1 
ATOM   270 C CB  . ARG A 1 36 ? 9.432   0.692   2.253   1.00 16.13 ? 36  ARG A CB  1 
ATOM   271 C CG  . ARG A 1 36 ? 10.823  0.589   2.923   1.00 18.08 ? 36  ARG A CG  1 
ATOM   272 C CD  . ARG A 1 36 ? 11.641  1.837   2.790   1.00 17.32 ? 36  ARG A CD  1 
ATOM   273 N NE  . ARG A 1 36 ? 11.263  2.917   3.669   1.00 23.78 ? 36  ARG A NE  1 
ATOM   274 C CZ  . ARG A 1 36 ? 11.577  3.022   4.968   1.00 29.58 ? 36  ARG A CZ  1 
ATOM   275 N NH1 . ARG A 1 36 ? 12.260  2.051   5.576   1.00 23.35 ? 36  ARG A NH1 1 
ATOM   276 N NH2 . ARG A 1 36 ? 11.162  4.101   5.655   1.00 26.54 ? 36  ARG A NH2 1 
ATOM   277 N N   . GLN A 1 37 ? 9.029   -2.391  3.890   1.00 16.64 ? 37  GLN A N   1 
ATOM   278 C CA  . GLN A 1 37 ? 8.905   -2.967  5.218   1.00 19.24 ? 37  GLN A CA  1 
ATOM   279 C C   . GLN A 1 37 ? 9.710   -2.188  6.300   1.00 19.71 ? 37  GLN A C   1 
ATOM   280 O O   . GLN A 1 37 ? 10.571  -1.376  5.949   1.00 21.45 ? 37  GLN A O   1 
ATOM   281 C CB  . GLN A 1 37 ? 9.314   -4.472  5.214   1.00 19.03 ? 37  GLN A CB  1 
ATOM   282 C CG  . GLN A 1 37 ? 8.431   -5.343  4.350   1.00 16.71 ? 37  GLN A CG  1 
ATOM   283 C CD  . GLN A 1 37 ? 8.905   -6.743  4.438   1.00 20.85 ? 37  GLN A CD  1 
ATOM   284 O OE1 . GLN A 1 37 ? 8.946   -7.319  5.511   1.00 22.78 ? 37  GLN A OE1 1 
ATOM   285 N NE2 . GLN A 1 37 ? 9.343   -7.282  3.329   1.00 23.42 ? 37  GLN A NE2 1 
ATOM   286 N N   . HIS A 1 38 ? 9.314   -2.339  7.587   1.00 19.98 ? 38  HIS A N   1 
ATOM   287 C CA  . HIS A 1 38 ? 9.979   -1.646  8.719   1.00 22.27 ? 38  HIS A CA  1 
ATOM   288 C C   . HIS A 1 38 ? 11.445  -1.996  8.698   1.00 23.67 ? 38  HIS A C   1 
ATOM   289 O O   . HIS A 1 38 ? 11.869  -3.186  8.586   1.00 22.17 ? 38  HIS A O   1 
ATOM   290 C CB  . HIS A 1 38 ? 9.395   -1.950  10.128  1.00 21.74 ? 38  HIS A CB  1 
ATOM   291 C CG  . HIS A 1 38 ? 9.972   -1.089  11.217  1.00 23.03 ? 38  HIS A CG  1 
ATOM   292 N ND1 . HIS A 1 38 ? 9.706   0.260   11.309  1.00 21.68 ? 38  HIS A ND1 1 
ATOM   293 C CD2 . HIS A 1 38 ? 10.843  -1.375  12.227  1.00 18.79 ? 38  HIS A CD2 1 
ATOM   294 C CE1 . HIS A 1 38 ? 10.333  0.755   12.365  1.00 23.50 ? 38  HIS A CE1 1 
ATOM   295 N NE2 . HIS A 1 38 ? 11.033  -0.216  12.930  1.00 21.64 ? 38  HIS A NE2 1 
ATOM   296 N N   . GLY A 1 39 ? 12.216  -0.936  8.731   1.00 24.87 ? 39  GLY A N   1 
ATOM   297 C CA  . GLY A 1 39 ? 13.625  -1.062  8.788   1.00 27.33 ? 39  GLY A CA  1 
ATOM   298 C C   . GLY A 1 39 ? 14.217  -1.650  7.563   1.00 30.06 ? 39  GLY A C   1 
ATOM   299 O O   . GLY A 1 39 ? 15.300  -2.215  7.629   1.00 32.91 ? 39  GLY A O   1 
ATOM   300 N N   . SER A 1 40 ? 13.554  -1.518  6.424   1.00 30.68 ? 40  SER A N   1 
ATOM   301 C CA  . SER A 1 40 ? 14.100  -2.076  5.190   1.00 30.95 ? 40  SER A CA  1 
ATOM   302 C C   . SER A 1 40 ? 14.317  -1.005  4.120   1.00 30.49 ? 40  SER A C   1 
ATOM   303 O O   . SER A 1 40 ? 13.737  0.050   4.123   1.00 29.09 ? 40  SER A O   1 
ATOM   304 C CB  . SER A 1 40 ? 13.235  -3.235  4.715   1.00 32.02 ? 40  SER A CB  1 
ATOM   305 O OG  . SER A 1 40 ? 13.306  -3.393  3.325   1.00 32.93 ? 40  SER A OG  1 
ATOM   306 N N   . GLU A 1 41 ? 15.250  -1.271  3.240   1.00 32.93 ? 41  GLU A N   1 
ATOM   307 C CA  . GLU A 1 41 ? 15.714  -0.267  2.294   1.00 33.56 ? 41  GLU A CA  1 
ATOM   308 C C   . GLU A 1 41 ? 15.060  -0.436  0.929   1.00 32.84 ? 41  GLU A C   1 
ATOM   309 O O   . GLU A 1 41 ? 14.986  0.522   0.175   1.00 34.43 ? 41  GLU A O   1 
ATOM   310 C CB  . GLU A 1 41 ? 17.264  -0.298  2.195   1.00 35.03 ? 41  GLU A CB  1 
ATOM   311 C CG  . GLU A 1 41 ? 17.847  -1.656  1.618   1.00 41.89 ? 41  GLU A CG  1 
ATOM   312 C CD  . GLU A 1 41 ? 18.135  -2.825  2.663   1.00 51.56 ? 41  GLU A CD  1 
ATOM   313 O OE1 . GLU A 1 41 ? 17.181  -3.344  3.354   1.00 54.33 ? 41  GLU A OE1 1 
ATOM   314 O OE2 . GLU A 1 41 ? 19.341  -3.243  2.751   1.00 55.86 ? 41  GLU A OE2 1 
ATOM   315 N N   . GLU A 1 42 ? 14.474  -1.687  0.521   1.00 30.78 ? 42  GLU A N   1 
ATOM   316 C CA  . GLU A 1 42 ? 13.773  -1.760  -0.753  1.00 29.90 ? 42  GLU A CA  1 
ATOM   317 C C   . GLU A 1 42 ? 12.343  -1.274  -0.818  1.00 26.36 ? 42  GLU A C   1 
ATOM   318 O O   . GLU A 1 42 ? 11.511  -1.597  0.058   1.00 24.13 ? 42  GLU A O   1 
ATOM   319 C CB  . GLU A 1 42 ? 13.810  -3.149  -1.351  1.00 31.70 ? 42  GLU A CB  1 
ATOM   320 C CG  . GLU A 1 42 ? 15.222  -3.529  -1.704  1.00 42.20 ? 42  GLU A CG  1 
ATOM   321 C CD  . GLU A 1 42 ? 15.850  -4.088  -0.452  1.00 54.13 ? 42  GLU A CD  1 
ATOM   322 O OE1 . GLU A 1 42 ? 15.091  -4.050  0.574   1.00 57.43 ? 42  GLU A OE1 1 
ATOM   323 O OE2 . GLU A 1 42 ? 17.053  -4.523  -0.484  1.00 58.58 ? 42  GLU A OE2 1 
ATOM   324 N N   . TRP A 1 43 ? 12.072  -0.622  -1.819  1.00 22.56 ? 43  TRP A N   1 
ATOM   325 C CA  . TRP A 1 43 ? 10.697  -0.411  -2.250  1.00 21.76 ? 43  TRP A CA  1 
ATOM   326 C C   . TRP A 1 43 ? 10.175  -1.608  -3.088  1.00 20.68 ? 43  TRP A C   1 
ATOM   327 O O   . TRP A 1 43 ? 10.778  -2.000  -4.115  1.00 18.52 ? 43  TRP A O   1 
ATOM   328 C CB  . TRP A 1 43 ? 10.529  0.949   -2.913  1.00 19.94 ? 43  TRP A CB  1 
ATOM   329 C CG  . TRP A 1 43 ? 10.642  2.114   -1.937  1.00 20.77 ? 43  TRP A CG  1 
ATOM   330 C CD1 . TRP A 1 43 ? 11.715  2.900   -1.773  1.00 22.61 ? 43  TRP A CD1 1 
ATOM   331 C CD2 . TRP A 1 43 ? 9.653   2.603   -0.971  1.00 19.22 ? 43  TRP A CD2 1 
ATOM   332 N NE1 . TRP A 1 43 ? 11.479  3.852   -0.796  1.00 18.02 ? 43  TRP A NE1 1 
ATOM   333 C CE2 . TRP A 1 43 ? 10.240  3.684   -0.282  1.00 16.01 ? 43  TRP A CE2 1 
ATOM   334 C CE3 . TRP A 1 43 ? 8.375   2.194   -0.596  1.00 18.97 ? 43  TRP A CE3 1 
ATOM   335 C CZ2 . TRP A 1 43 ? 9.594   4.384   0.723   1.00 17.69 ? 43  TRP A CZ2 1 
ATOM   336 C CZ3 . TRP A 1 43 ? 7.709   2.892   0.401   1.00 15.62 ? 43  TRP A CZ3 1 
ATOM   337 C CH2 . TRP A 1 43 ? 8.321   3.995   1.045   1.00 16.93 ? 43  TRP A CH2 1 
ATOM   338 N N   . GLU A 1 44 ? 9.115   -2.240  -2.584  1.00 18.18 ? 44  GLU A N   1 
ATOM   339 C CA  . GLU A 1 44 ? 8.526   -3.407  -3.201  1.00 18.60 ? 44  GLU A CA  1 
ATOM   340 C C   . GLU A 1 44 ? 7.200   -3.045  -3.904  1.00 18.09 ? 44  GLU A C   1 
ATOM   341 O O   . GLU A 1 44 ? 6.221   -2.768  -3.232  1.00 17.03 ? 44  GLU A O   1 
ATOM   342 C CB  . GLU A 1 44 ? 8.211   -4.516  -2.152  1.00 18.96 ? 44  GLU A CB  1 
ATOM   343 C CG  . GLU A 1 44 ? 9.440   -4.855  -1.258  1.00 20.36 ? 44  GLU A CG  1 
ATOM   344 C CD  . GLU A 1 44 ? 9.135   -5.949  -0.241  1.00 18.78 ? 44  GLU A CD  1 
ATOM   345 O OE1 . GLU A 1 44 ? 8.460   -6.946  -0.572  1.00 18.17 ? 44  GLU A OE1 1 
ATOM   346 O OE2 . GLU A 1 44 ? 9.554   -5.753  0.918   1.00 18.22 ? 44  GLU A OE2 1 
ATOM   347 N N   . PRO A 1 45 ? 7.192   -3.042  -5.267  1.00 18.13 ? 45  PRO A N   1 
ATOM   348 C CA  . PRO A 1 45 ? 5.946   -2.731  -6.006  1.00 15.38 ? 45  PRO A CA  1 
ATOM   349 C C   . PRO A 1 45 ? 4.774   -3.599  -5.608  1.00 16.42 ? 45  PRO A C   1 
ATOM   350 O O   . PRO A 1 45 ? 4.933   -4.866  -5.360  1.00 13.58 ? 45  PRO A O   1 
ATOM   351 C CB  . PRO A 1 45 ? 6.347   -2.987  -7.483  1.00 16.03 ? 45  PRO A CB  1 
ATOM   352 C CG  . PRO A 1 45 ? 7.875   -2.959  -7.432  1.00 16.25 ? 45  PRO A CG  1 
ATOM   353 C CD  . PRO A 1 45 ? 8.271   -3.516  -6.176  1.00 16.22 ? 45  PRO A CD  1 
ATOM   354 N N   . LEU A 1 46 ? 3.603   -2.941  -5.508  1.00 14.05 ? 46  LEU A N   1 
ATOM   355 C CA  . LEU A 1 46 ? 2.352   -3.619  -5.486  1.00 14.99 ? 46  LEU A CA  1 
ATOM   356 C C   . LEU A 1 46 ? 1.882   -3.783  -6.932  1.00 17.66 ? 46  LEU A C   1 
ATOM   357 O O   . LEU A 1 46 ? 2.097   -2.924  -7.756  1.00 17.77 ? 46  LEU A O   1 
ATOM   358 C CB  . LEU A 1 46 ? 1.279   -2.851  -4.712  1.00 13.56 ? 46  LEU A CB  1 
ATOM   359 C CG  . LEU A 1 46 ? 1.342   -2.988  -3.190  1.00 12.78 ? 46  LEU A CG  1 
ATOM   360 C CD1 . LEU A 1 46 ? 2.644   -2.331  -2.642  1.00 12.37 ? 46  LEU A CD1 1 
ATOM   361 C CD2 . LEU A 1 46 ? 0.104   -2.317  -2.548  1.00 12.57 ? 46  LEU A CD2 1 
ATOM   362 N N   . THR A 1 47 ? 1.186   -4.848  -7.213  1.00 18.71 ? 47  THR A N   1 
ATOM   363 C CA  . THR A 1 47 ? 0.681   -5.095  -8.571  1.00 21.02 ? 47  THR A CA  1 
ATOM   364 C C   . THR A 1 47 ? -0.813  -4.955  -8.532  1.00 20.37 ? 47  THR A C   1 
ATOM   365 O O   . THR A 1 47 ? -1.470  -5.393  -7.593  1.00 20.42 ? 47  THR A O   1 
ATOM   366 C CB  . THR A 1 47 ? 0.987   -6.542  -8.985  1.00 22.58 ? 47  THR A CB  1 
ATOM   367 O OG1 . THR A 1 47 ? 2.381   -6.709  -9.027  1.00 24.84 ? 47  THR A OG1 1 
ATOM   368 C CG2 . THR A 1 47 ? 0.401   -6.898  -10.371 1.00 22.68 ? 47  THR A CG2 1 
ATOM   369 N N   . LYS A 1 48 ? -1.343  -4.299  -9.524  1.00 20.96 ? 48  LYS A N   1 
ATOM   370 C CA  . LYS A 1 48 ? -2.710  -4.084  -9.553  1.00 25.28 ? 48  LYS A CA  1 
ATOM   371 C C   . LYS A 1 48 ? -3.355  -5.383  -10.022 1.00 28.03 ? 48  LYS A C   1 
ATOM   372 O O   . LYS A 1 48 ? -2.962  -5.910  -11.027 1.00 29.97 ? 48  LYS A O   1 
ATOM   373 C CB  . LYS A 1 48 ? -2.950  -2.986  -10.494 1.00 26.45 ? 48  LYS A CB  1 
ATOM   374 C CG  . LYS A 1 48 ? -4.347  -2.826  -10.871 1.00 31.84 ? 48  LYS A CG  1 
ATOM   375 C CD  . LYS A 1 48 ? -4.608  -1.370  -11.242 1.00 33.34 ? 48  LYS A CD  1 
ATOM   376 C CE  . LYS A 1 48 ? -5.732  -0.998  -10.365 1.00 37.84 ? 48  LYS A CE  1 
ATOM   377 N NZ  . LYS A 1 48 ? -6.155  0.363   -10.777 1.00 42.11 ? 48  LYS A NZ  1 
ATOM   378 N N   . LYS A 1 49 ? -4.251  -5.978  -9.234  1.00 28.70 ? 49  LYS A N   1 
ATOM   379 C CA  . LYS A 1 49 ? -4.983  -7.171  -9.645  1.00 31.09 ? 49  LYS A CA  1 
ATOM   380 C C   . LYS A 1 49 ? -6.480  -6.834  -9.612  1.00 30.74 ? 49  LYS A C   1 
ATOM   381 O O   . LYS A 1 49 ? -7.075  -6.773  -8.565  1.00 30.30 ? 49  LYS A O   1 
ATOM   382 C CB  . LYS A 1 49 ? -4.711  -8.327  -8.674  1.00 32.06 ? 49  LYS A CB  1 
ATOM   383 C CG  . LYS A 1 49 ? -3.180  -8.774  -8.537  1.00 40.00 ? 49  LYS A CG  1 
ATOM   384 C CD  . LYS A 1 49 ? -2.869  -10.078 -9.294  1.00 49.27 ? 49  LYS A CD  1 
ATOM   385 C CE  . LYS A 1 49 ? -1.407  -10.178 -9.692  1.00 53.37 ? 49  LYS A CE  1 
ATOM   386 N NZ  . LYS A 1 49 ? -0.672  -10.787 -8.565  1.00 55.37 ? 49  LYS A NZ  1 
ATOM   387 N N   . GLY A 1 50 ? -7.094  -6.556  -10.751 1.00 31.29 ? 50  GLY A N   1 
ATOM   388 C CA  . GLY A 1 50 ? -8.461  -6.173  -10.706 1.00 30.33 ? 50  GLY A CA  1 
ATOM   389 C C   . GLY A 1 50 ? -8.506  -4.683  -10.373 1.00 31.10 ? 50  GLY A C   1 
ATOM   390 O O   . GLY A 1 50 ? -7.962  -3.824  -11.101 1.00 30.84 ? 50  GLY A O   1 
ATOM   391 N N   . ASN A 1 51 ? -9.181  -4.341  -9.289  1.00 30.85 ? 51  ASN A N   1 
ATOM   392 C CA  . ASN A 1 51 ? -9.205  -2.916  -8.957  1.00 31.88 ? 51  ASN A CA  1 
ATOM   393 C C   . ASN A 1 51 ? -8.525  -2.739  -7.567  1.00 30.71 ? 51  ASN A C   1 
ATOM   394 O O   . ASN A 1 51 ? -8.697  -1.711  -6.929  1.00 31.67 ? 51  ASN A O   1 
ATOM   395 C CB  . ASN A 1 51 ? -10.631 -2.410  -8.901  1.00 32.46 ? 51  ASN A CB  1 
ATOM   396 C CG  . ASN A 1 51 ? -11.348 -2.845  -7.593  1.00 36.54 ? 51  ASN A CG  1 
ATOM   397 O OD1 . ASN A 1 51 ? -11.370 -4.060  -7.237  1.00 43.01 ? 51  ASN A OD1 1 
ATOM   398 N ND2 . ASN A 1 51 ? -11.895 -1.849  -6.845  1.00 39.80 ? 51  ASN A ND2 1 
ATOM   399 N N   . VAL A 1 52 ? -7.829  -3.796  -7.082  1.00 29.10 ? 52  VAL A N   1 
ATOM   400 C CA  . VAL A 1 52 ? -7.022  -3.761  -5.809  1.00 24.87 ? 52  VAL A CA  1 
ATOM   401 C C   . VAL A 1 52 ? -5.559  -4.025  -6.080  1.00 22.94 ? 52  VAL A C   1 
ATOM   402 O O   . VAL A 1 52 ? -5.131  -4.330  -7.220  1.00 21.31 ? 52  VAL A O   1 
ATOM   403 C CB  . VAL A 1 52 ? -7.544  -4.726  -4.682  1.00 25.39 ? 52  VAL A CB  1 
ATOM   404 C CG1 . VAL A 1 52 ? -8.965  -4.442  -4.402  1.00 27.28 ? 52  VAL A CG1 1 
ATOM   405 C CG2 . VAL A 1 52 ? -7.379  -6.113  -5.018  1.00 22.56 ? 52  VAL A CG2 1 
ATOM   406 N N   . TRP A 1 53 ? -4.762  -3.870  -5.038  1.00 19.01 ? 53  TRP A N   1 
ATOM   407 C CA  . TRP A 1 53 ? -3.318  -3.886  -5.272  1.00 17.72 ? 53  TRP A CA  1 
ATOM   408 C C   . TRP A 1 53 ? -2.636  -4.958  -4.403  1.00 15.13 ? 53  TRP A C   1 
ATOM   409 O O   . TRP A 1 53 ? -2.971  -5.096  -3.297  1.00 17.88 ? 53  TRP A O   1 
ATOM   410 C CB  . TRP A 1 53 ? -2.703  -2.523  -4.980  1.00 16.27 ? 53  TRP A CB  1 
ATOM   411 C CG  . TRP A 1 53 ? -3.151  -1.391  -5.872  1.00 17.64 ? 53  TRP A CG  1 
ATOM   412 C CD1 . TRP A 1 53 ? -4.318  -0.688  -5.787  1.00 15.45 ? 53  TRP A CD1 1 
ATOM   413 C CD2 . TRP A 1 53 ? -2.425  -0.847  -6.964  1.00 14.62 ? 53  TRP A CD2 1 
ATOM   414 N NE1 . TRP A 1 53 ? -4.323  0.311   -6.739  1.00 19.52 ? 53  TRP A NE1 1 
ATOM   415 C CE2 . TRP A 1 53 ? -3.173  0.222   -7.473  1.00 15.96 ? 53  TRP A CE2 1 
ATOM   416 C CE3 . TRP A 1 53 ? -1.170  -1.105  -7.499  1.00 18.65 ? 53  TRP A CE3 1 
ATOM   417 C CZ2 . TRP A 1 53 ? -2.767  0.960   -8.545  1.00 16.28 ? 53  TRP A CZ2 1 
ATOM   418 C CZ3 . TRP A 1 53 ? -0.752  -0.341  -8.528  1.00 20.21 ? 53  TRP A CZ3 1 
ATOM   419 C CH2 . TRP A 1 53 ? -1.552  0.678   -9.049  1.00 17.94 ? 53  TRP A CH2 1 
ATOM   420 N N   . GLU A 1 54 ? -1.665  -5.693  -4.888  1.00 14.33 ? 54  GLU A N   1 
ATOM   421 C CA  . GLU A 1 54 ? -1.212  -6.709  -4.018  1.00 14.93 ? 54  GLU A CA  1 
ATOM   422 C C   . GLU A 1 54 ? 0.337   -6.766  -4.001  1.00 13.29 ? 54  GLU A C   1 
ATOM   423 O O   . GLU A 1 54 ? 0.981   -6.547  -5.007  1.00 12.99 ? 54  GLU A O   1 
ATOM   424 C CB  . GLU A 1 54 ? -1.959  -8.073  -4.374  1.00 14.79 ? 54  GLU A CB  1 
ATOM   425 C CG  . GLU A 1 54 ? -1.107  -9.306  -4.043  1.00 22.69 ? 54  GLU A CG  1 
ATOM   426 C CD  . GLU A 1 54 ? -1.490  -10.557 -4.885  1.00 34.66 ? 54  GLU A CD  1 
ATOM   427 O OE1 . GLU A 1 54 ? -2.696  -10.772 -5.157  1.00 31.77 ? 54  GLU A OE1 1 
ATOM   428 O OE2 . GLU A 1 54 ? -0.529  -11.286 -5.257  1.00 39.29 ? 54  GLU A OE2 1 
ATOM   429 N N   . VAL A 1 55 ? 0.906   -7.103  -2.841  1.00 13.29 ? 55  VAL A N   1 
ATOM   430 C CA  . VAL A 1 55 ? 2.286   -7.410  -2.726  1.00 14.62 ? 55  VAL A CA  1 
ATOM   431 C C   . VAL A 1 55 ? 2.493   -8.691  -1.850  1.00 17.62 ? 55  VAL A C   1 
ATOM   432 O O   . VAL A 1 55 ? 1.925   -8.792  -0.762  1.00 19.19 ? 55  VAL A O   1 
ATOM   433 C CB  . VAL A 1 55 ? 3.125   -6.230  -2.181  1.00 13.16 ? 55  VAL A CB  1 
ATOM   434 C CG1 . VAL A 1 55 ? 2.657   -5.772  -0.890  1.00 12.09 ? 55  VAL A CG1 1 
ATOM   435 C CG2 . VAL A 1 55 ? 4.636   -6.605  -2.022  1.00 13.68 ? 55  VAL A CG2 1 
ATOM   436 N N   . LYS A 1 56 ? 3.328   -9.612  -2.329  1.00 19.47 ? 56  LYS A N   1 
ATOM   437 C CA  . LYS A 1 56 ? 3.596   -10.932 -1.652  1.00 21.59 ? 56  LYS A CA  1 
ATOM   438 C C   . LYS A 1 56 ? 5.030   -10.959 -1.250  1.00 21.10 ? 56  LYS A C   1 
ATOM   439 O O   . LYS A 1 56 ? 5.873   -10.224 -1.777  1.00 19.69 ? 56  LYS A O   1 
ATOM   440 C CB  . LYS A 1 56 ? 3.333   -12.174 -2.570  1.00 19.81 ? 56  LYS A CB  1 
ATOM   441 C CG  . LYS A 1 56 ? 4.351   -12.301 -3.693  1.00 28.92 ? 56  LYS A CG  1 
ATOM   442 C CD  . LYS A 1 56 ? 3.884   -13.214 -4.864  1.00 32.20 ? 56  LYS A CD  1 
ATOM   443 C CE  . LYS A 1 56 ? 4.615   -14.473 -4.734  1.00 32.70 ? 56  LYS A CE  1 
ATOM   444 N NZ  . LYS A 1 56 ? 3.806   -15.597 -5.289  1.00 38.54 ? 56  LYS A NZ  1 
ATOM   445 N N   . SER A 1 57 ? 5.251   -11.722 -0.191  1.00 25.54 ? 57  SER A N   1 
ATOM   446 C CA  . SER A 1 57 ? 6.585   -11.950 0.314   1.00 27.63 ? 57  SER A CA  1 
ATOM   447 C C   . SER A 1 57 ? 6.789   -13.457 0.565   1.00 29.41 ? 57  SER A C   1 
ATOM   448 O O   . SER A 1 57 ? 5.838   -14.167 0.850   1.00 28.74 ? 57  SER A O   1 
ATOM   449 C CB  . SER A 1 57 ? 6.819   -11.147 1.579   1.00 27.14 ? 57  SER A CB  1 
ATOM   450 O OG  . SER A 1 57 ? 8.189   -11.259 1.873   1.00 28.03 ? 57  SER A OG  1 
ATOM   451 N N   . SER A 1 58 ? 8.038   -13.940 0.403   1.00 31.22 ? 58  SER A N   1 
ATOM   452 C CA  . SER A 1 58 ? 8.390   -15.316 0.820   1.00 32.54 ? 58  SER A CA  1 
ATOM   453 C C   . SER A 1 58 ? 8.454   -15.470 2.346   1.00 31.41 ? 58  SER A C   1 
ATOM   454 O O   . SER A 1 58 ? 8.213   -16.599 2.865   1.00 32.01 ? 58  SER A O   1 
ATOM   455 C CB  . SER A 1 58 ? 9.751   -15.681 0.279   1.00 32.74 ? 58  SER A CB  1 
ATOM   456 O OG  . SER A 1 58 ? 10.641  -15.394 1.313   1.00 39.14 ? 58  SER A OG  1 
ATOM   457 N N   . LYS A 1 59 ? 8.756   -14.380 3.073   1.00 30.28 ? 59  LYS A N   1 
ATOM   458 C CA  . LYS A 1 59 ? 8.693   -14.320 4.604   1.00 29.55 ? 59  LYS A CA  1 
ATOM   459 C C   . LYS A 1 59 ? 7.498   -13.472 5.083   1.00 27.67 ? 59  LYS A C   1 
ATOM   460 O O   . LYS A 1 59 ? 6.925   -12.680 4.311   1.00 26.51 ? 59  LYS A O   1 
ATOM   461 C CB  . LYS A 1 59 ? 9.927   -13.642 5.224   1.00 29.28 ? 59  LYS A CB  1 
ATOM   462 C CG  . LYS A 1 59 ? 11.259  -14.429 5.284   1.00 36.69 ? 59  LYS A CG  1 
ATOM   463 C CD  . LYS A 1 59 ? 11.014  -15.861 5.907   1.00 44.63 ? 59  LYS A CD  1 
ATOM   464 C CE  . LYS A 1 59 ? 12.070  -16.920 5.484   1.00 48.01 ? 59  LYS A CE  1 
ATOM   465 N NZ  . LYS A 1 59 ? 13.003  -17.429 6.562   1.00 50.49 ? 59  LYS A NZ  1 
ATOM   466 N N   . PRO A 1 60 ? 7.120   -13.603 6.359   1.00 26.17 ? 60  PRO A N   1 
ATOM   467 C CA  . PRO A 1 60 ? 6.075   -12.697 6.876   1.00 25.12 ? 60  PRO A CA  1 
ATOM   468 C C   . PRO A 1 60 ? 6.510   -11.236 6.637   1.00 24.77 ? 60  PRO A C   1 
ATOM   469 O O   . PRO A 1 60 ? 7.698   -11.001 6.567   1.00 25.34 ? 60  PRO A O   1 
ATOM   470 C CB  . PRO A 1 60 ? 5.977   -13.084 8.362   1.00 25.07 ? 60  PRO A CB  1 
ATOM   471 C CG  . PRO A 1 60 ? 6.428   -14.528 8.404   1.00 26.29 ? 60  PRO A CG  1 
ATOM   472 C CD  . PRO A 1 60 ? 7.554   -14.604 7.366   1.00 27.02 ? 60  PRO A CD  1 
ATOM   473 N N   . LEU A 1 61 ? 5.576   -10.290 6.407   1.00 21.75 ? 61  LEU A N   1 
ATOM   474 C CA  . LEU A 1 61 ? 5.927   -8.917  6.160   1.00 20.48 ? 61  LEU A CA  1 
ATOM   475 C C   . LEU A 1 61 ? 6.141   -8.272  7.480   1.00 19.20 ? 61  LEU A C   1 
ATOM   476 O O   . LEU A 1 61 ? 5.433   -8.574  8.410   1.00 20.45 ? 61  LEU A O   1 
ATOM   477 C CB  . LEU A 1 61 ? 4.798   -8.160  5.395   1.00 20.28 ? 61  LEU A CB  1 
ATOM   478 C CG  . LEU A 1 61 ? 4.528   -8.669  3.962   1.00 21.71 ? 61  LEU A CG  1 
ATOM   479 C CD1 . LEU A 1 61 ? 3.112   -8.373  3.491   1.00 24.91 ? 61  LEU A CD1 1 
ATOM   480 C CD2 . LEU A 1 61 ? 5.569   -8.142  2.967   1.00 23.94 ? 61  LEU A CD2 1 
ATOM   481 N N   . VAL A 1 62 ? 7.125   -7.392  7.603   1.00 19.01 ? 62  VAL A N   1 
ATOM   482 C CA  . VAL A 1 62 ? 7.388   -6.742  8.921   1.00 17.20 ? 62  VAL A CA  1 
ATOM   483 C C   . VAL A 1 62 ? 7.010   -5.285  8.827   1.00 16.89 ? 62  VAL A C   1 
ATOM   484 O O   . VAL A 1 62 ? 7.516   -4.600  7.954   1.00 15.53 ? 62  VAL A O   1 
ATOM   485 C CB  . VAL A 1 62 ? 8.848   -6.862  9.188   1.00 19.18 ? 62  VAL A CB  1 
ATOM   486 C CG1 . VAL A 1 62 ? 9.206   -6.189  10.442  1.00 23.18 ? 62  VAL A CG1 1 
ATOM   487 C CG2 . VAL A 1 62 ? 9.232   -8.418  9.257   1.00 19.41 ? 62  VAL A CG2 1 
ATOM   488 N N   . GLY A 1 63 ? 6.102   -4.822  9.692   1.00 16.92 ? 63  GLY A N   1 
ATOM   489 C CA  . GLY A 1 63 ? 5.682   -3.427  9.707   1.00 18.75 ? 63  GLY A CA  1 
ATOM   490 C C   . GLY A 1 63 ? 6.165   -2.543  10.884  1.00 20.01 ? 63  GLY A C   1 
ATOM   491 O O   . GLY A 1 63 ? 7.036   -2.933  11.624  1.00 18.80 ? 63  GLY A O   1 
ATOM   492 N N   . PRO A 1 64 ? 5.569   -1.382  11.047  1.00 18.01 ? 64  PRO A N   1 
ATOM   493 C CA  . PRO A 1 64 ? 4.472   -0.837  10.279  1.00 18.04 ? 64  PRO A CA  1 
ATOM   494 C C   . PRO A 1 64 ? 4.972   -0.608  8.894   1.00 17.84 ? 64  PRO A C   1 
ATOM   495 O O   . PRO A 1 64 ? 6.175   -0.456  8.666   1.00 19.26 ? 64  PRO A O   1 
ATOM   496 C CB  . PRO A 1 64 ? 4.232   0.520   10.897  1.00 16.58 ? 64  PRO A CB  1 
ATOM   497 C CG  . PRO A 1 64 ? 4.753   0.387   12.280  1.00 22.35 ? 64  PRO A CG  1 
ATOM   498 C CD  . PRO A 1 64 ? 5.870   -0.623  12.252  1.00 19.72 ? 64  PRO A CD  1 
ATOM   499 N N   . PHE A 1 65 ? 4.060   -0.565  7.942   1.00 16.46 ? 65  PHE A N   1 
ATOM   500 C CA  . PHE A 1 65 ? 4.475   -0.543  6.556   1.00 13.73 ? 65  PHE A CA  1 
ATOM   501 C C   . PHE A 1 65 ? 4.415   0.892   6.048   1.00 12.77 ? 65  PHE A C   1 
ATOM   502 O O   . PHE A 1 65 ? 3.539   1.632   6.369   1.00 13.08 ? 65  PHE A O   1 
ATOM   503 C CB  . PHE A 1 65 ? 3.536   -1.462  5.763   1.00 14.91 ? 65  PHE A CB  1 
ATOM   504 C CG  . PHE A 1 65 ? 3.457   -2.907  6.303   1.00 18.11 ? 65  PHE A CG  1 
ATOM   505 C CD1 . PHE A 1 65 ? 4.549   -3.780  6.173   1.00 20.01 ? 65  PHE A CD1 1 
ATOM   506 C CD2 . PHE A 1 65 ? 2.313   -3.377  6.897   1.00 18.34 ? 65  PHE A CD2 1 
ATOM   507 C CE1 . PHE A 1 65 ? 4.473   -5.049  6.609   1.00 18.29 ? 65  PHE A CE1 1 
ATOM   508 C CE2 . PHE A 1 65 ? 2.284   -4.677  7.369   1.00 19.11 ? 65  PHE A CE2 1 
ATOM   509 C CZ  . PHE A 1 65 ? 3.346   -5.501  7.199   1.00 11.57 ? 65  PHE A CZ  1 
ATOM   510 N N   . ASN A 1 66 ? 5.377   1.277   5.223   1.00 12.44 ? 66  ASN A N   1 
ATOM   511 C CA  . ASN A 1 66 ? 5.375   2.510   4.516   1.00 13.44 ? 66  ASN A CA  1 
ATOM   512 C C   . ASN A 1 66 ? 5.022   2.314   3.073   1.00 12.67 ? 66  ASN A C   1 
ATOM   513 O O   . ASN A 1 66 ? 5.211   1.218   2.583   1.00 12.12 ? 66  ASN A O   1 
ATOM   514 C CB  . ASN A 1 66 ? 6.780   3.084   4.563   1.00 14.82 ? 66  ASN A CB  1 
ATOM   515 C CG  . ASN A 1 66 ? 7.382   2.965   5.974   1.00 16.61 ? 66  ASN A CG  1 
ATOM   516 O OD1 . ASN A 1 66 ? 6.957   3.645   6.900   1.00 18.52 ? 66  ASN A OD1 1 
ATOM   517 N ND2 . ASN A 1 66 ? 8.274   2.046   6.133   1.00 18.22 ? 66  ASN A ND2 1 
ATOM   518 N N   . PHE A 1 67 ? 4.525   3.376   2.417   1.00 12.74 ? 67  PHE A N   1 
ATOM   519 C CA  . PHE A 1 67 ? 4.028   3.320   1.060   1.00 15.70 ? 67  PHE A CA  1 
ATOM   520 C C   . PHE A 1 67 ? 4.560   4.543   0.300   1.00 18.13 ? 67  PHE A C   1 
ATOM   521 O O   . PHE A 1 67 ? 4.746   5.595   0.919   1.00 19.55 ? 67  PHE A O   1 
ATOM   522 C CB  . PHE A 1 67 ? 2.515   3.255   0.997   1.00 14.55 ? 67  PHE A CB  1 
ATOM   523 C CG  . PHE A 1 67 ? 1.954   1.994   1.581   1.00 11.85 ? 67  PHE A CG  1 
ATOM   524 C CD1 . PHE A 1 67 ? 1.844   0.865   0.827   1.00 14.29 ? 67  PHE A CD1 1 
ATOM   525 C CD2 . PHE A 1 67 ? 1.608   1.952   2.962   1.00 14.19 ? 67  PHE A CD2 1 
ATOM   526 C CE1 . PHE A 1 67 ? 1.372   -0.307  1.416   1.00 13.38 ? 67  PHE A CE1 1 
ATOM   527 C CE2 . PHE A 1 67 ? 1.160   0.848   3.558   1.00 12.75 ? 67  PHE A CE2 1 
ATOM   528 C CZ  . PHE A 1 67 ? 1.036   -0.325  2.748   1.00 14.59 ? 67  PHE A CZ  1 
ATOM   529 N N   . ARG A 1 68 ? 4.864   4.377   -0.973  1.00 16.51 ? 68  ARG A N   1 
ATOM   530 C CA  . ARG A 1 68 ? 5.267   5.460   -1.904  1.00 19.61 ? 68  ARG A CA  1 
ATOM   531 C C   . ARG A 1 68 ? 4.299   5.286   -3.154  1.00 20.56 ? 68  ARG A C   1 
ATOM   532 O O   . ARG A 1 68 ? 3.994   4.158   -3.536  1.00 19.60 ? 68  ARG A O   1 
ATOM   533 C CB  . ARG A 1 68 ? 6.722   5.274   -2.336  1.00 20.49 ? 68  ARG A CB  1 
ATOM   534 C CG  . ARG A 1 68 ? 7.146   6.103   -3.552  1.00 23.15 ? 68  ARG A CG  1 
ATOM   535 C CD  . ARG A 1 68 ? 8.701   6.105   -3.660  1.00 27.23 ? 68  ARG A CD  1 
ATOM   536 N NE  . ARG A 1 68 ? 9.243   4.918   -4.299  1.00 18.82 ? 68  ARG A NE  1 
ATOM   537 C CZ  . ARG A 1 68 ? 10.544  4.654   -4.389  1.00 26.24 ? 68  ARG A CZ  1 
ATOM   538 N NH1 . ARG A 1 68 ? 11.407  5.488   -3.854  1.00 29.14 ? 68  ARG A NH1 1 
ATOM   539 N NH2 . ARG A 1 68 ? 10.993  3.571   -5.001  1.00 25.30 ? 68  ARG A NH2 1 
ATOM   540 N N   . PHE A 1 69 ? 3.801   6.409   -3.702  1.00 20.35 ? 69  PHE A N   1 
ATOM   541 C CA  . PHE A 1 69 ? 2.861   6.481   -4.794  1.00 20.99 ? 69  PHE A CA  1 
ATOM   542 C C   . PHE A 1 69 ? 3.514   7.304   -5.860  1.00 21.25 ? 69  PHE A C   1 
ATOM   543 O O   . PHE A 1 69 ? 4.362   8.169   -5.504  1.00 20.13 ? 69  PHE A O   1 
ATOM   544 C CB  . PHE A 1 69 ? 1.676   7.274   -4.330  1.00 23.50 ? 69  PHE A CB  1 
ATOM   545 C CG  . PHE A 1 69 ? 0.813   6.492   -3.459  1.00 29.26 ? 69  PHE A CG  1 
ATOM   546 C CD1 . PHE A 1 69 ? -0.275  5.790   -4.000  1.00 32.65 ? 69  PHE A CD1 1 
ATOM   547 C CD2 . PHE A 1 69 ? 1.127   6.339   -2.123  1.00 30.33 ? 69  PHE A CD2 1 
ATOM   548 C CE1 . PHE A 1 69 ? -1.070  4.959   -3.182  1.00 34.12 ? 69  PHE A CE1 1 
ATOM   549 C CE2 . PHE A 1 69 ? 0.324   5.513   -1.320  1.00 33.26 ? 69  PHE A CE2 1 
ATOM   550 C CZ  . PHE A 1 69 ? -0.765  4.821   -1.858  1.00 30.28 ? 69  PHE A CZ  1 
ATOM   551 N N   . MET A 1 70 ? 3.164   6.999   -7.112  1.00 18.55 ? 70  MET A N   1 
ATOM   552 C CA  . MET A 1 70 ? 3.458   7.792   -8.372  1.00 22.06 ? 70  MET A CA  1 
ATOM   553 C C   . MET A 1 70 ? 2.113   7.953   -9.055  1.00 20.74 ? 70  MET A C   1 
ATOM   554 O O   . MET A 1 70 ? 1.410   6.952   -9.183  1.00 21.16 ? 70  MET A O   1 
ATOM   555 C CB  . MET A 1 70 ? 4.440   7.044   -9.267  1.00 19.88 ? 70  MET A CB  1 
ATOM   556 C CG  . MET A 1 70 ? 4.881   7.781   -10.632 1.00 29.33 ? 70  MET A CG  1 
ATOM   557 S SD  . MET A 1 70 ? 5.651   9.387   -10.254 1.00 37.31 ? 70  MET A SD  1 
ATOM   558 C CE  . MET A 1 70 ? 7.381   8.942   -9.816  1.00 32.45 ? 70  MET A CE  1 
ATOM   559 N N   . SER A 1 71 ? 1.672   9.194   -9.307  1.00 20.64 ? 71  SER A N   1 
ATOM   560 C CA  . SER A 1 71 ? 0.475   9.472   -10.084 1.00 22.49 ? 71  SER A CA  1 
ATOM   561 C C   . SER A 1 71 ? 0.796   9.420   -11.592 1.00 22.17 ? 71  SER A C   1 
ATOM   562 O O   . SER A 1 71 ? 1.940   9.494   -12.008 1.00 21.23 ? 71  SER A O   1 
ATOM   563 C CB  . SER A 1 71 ? -0.160  10.881  -9.753  1.00 21.07 ? 71  SER A CB  1 
ATOM   564 O OG  . SER A 1 71 ? 0.761   11.900  -10.200 1.00 26.22 ? 71  SER A OG  1 
ATOM   565 N N   . LYS A 1 72 ? -0.248  9.261   -12.423 1.00 26.96 ? 72  LYS A N   1 
ATOM   566 C CA  . LYS A 1 72 ? -0.066  9.351   -13.899 1.00 30.27 ? 72  LYS A CA  1 
ATOM   567 C C   . LYS A 1 72 ? 0.495   10.740  -14.264 1.00 30.94 ? 72  LYS A C   1 
ATOM   568 O O   . LYS A 1 72 ? 1.312   10.828  -15.177 1.00 30.88 ? 72  LYS A O   1 
ATOM   569 C CB  . LYS A 1 72 ? -1.346  9.001   -14.681 1.00 31.85 ? 72  LYS A CB  1 
ATOM   570 C CG  . LYS A 1 72 ? -1.991  7.639   -14.216 1.00 36.37 ? 72  LYS A CG  1 
ATOM   571 C CD  . LYS A 1 72 ? -3.077  6.974   -15.208 1.00 40.88 ? 72  LYS A CD  1 
ATOM   572 C CE  . LYS A 1 72 ? -4.506  7.645   -15.100 1.00 40.40 ? 72  LYS A CE  1 
ATOM   573 N NZ  . LYS A 1 72 ? -5.434  7.803   -16.333 1.00 37.44 ? 72  LYS A NZ  1 
ATOM   574 N N   . GLY A 1 73 ? 0.166   11.779  -13.467 1.00 31.71 ? 73  GLY A N   1 
ATOM   575 C CA  . GLY A 1 73 ? 0.817   13.121  -13.581 1.00 32.06 ? 73  GLY A CA  1 
ATOM   576 C C   . GLY A 1 73 ? 2.303   13.286  -13.178 1.00 32.17 ? 73  GLY A C   1 
ATOM   577 O O   . GLY A 1 73 ? 2.893   14.331  -13.444 1.00 31.10 ? 73  GLY A O   1 
ATOM   578 N N   . GLY A 1 74 ? 2.905   12.287  -12.521 1.00 29.52 ? 74  GLY A N   1 
ATOM   579 C CA  . GLY A 1 74 ? 4.321   12.390  -12.180 1.00 28.45 ? 74  GLY A CA  1 
ATOM   580 C C   . GLY A 1 74 ? 4.560   12.854  -10.743 1.00 28.92 ? 74  GLY A C   1 
ATOM   581 O O   . GLY A 1 74 ? 5.740   13.122  -10.305 1.00 28.03 ? 74  GLY A O   1 
ATOM   582 N N   . MET A 1 75 ? 3.450   12.974  -10.004 1.00 27.29 ? 75  MET A N   1 
ATOM   583 C CA  . MET A 1 75 ? 3.510   13.359  -8.599  1.00 26.87 ? 75  MET A CA  1 
ATOM   584 C C   . MET A 1 75 ? 3.711   12.139  -7.633  1.00 26.03 ? 75  MET A C   1 
ATOM   585 O O   . MET A 1 75 ? 2.966   11.164  -7.664  1.00 23.65 ? 75  MET A O   1 
ATOM   586 C CB  . MET A 1 75 ? 2.218   14.063  -8.249  1.00 26.44 ? 75  MET A CB  1 
ATOM   587 C CG  . MET A 1 75 ? 1.905   15.314  -9.228  1.00 34.52 ? 75  MET A CG  1 
ATOM   588 S SD  . MET A 1 75 ? 3.171   16.549  -9.123  1.00 44.77 ? 75  MET A SD  1 
ATOM   589 C CE  . MET A 1 75 ? 2.181   18.079  -9.181  1.00 49.87 ? 75  MET A CE  1 
ATOM   590 N N   . ARG A 1 76 ? 4.697   12.260  -6.769  1.00 25.76 ? 76  ARG A N   1 
ATOM   591 C CA  . ARG A 1 76 ? 5.160   11.197  -5.910  1.00 25.82 ? 76  ARG A CA  1 
ATOM   592 C C   . ARG A 1 76 ? 4.935   11.532  -4.423  1.00 24.18 ? 76  ARG A C   1 
ATOM   593 O O   . ARG A 1 76 ? 5.228   12.611  -4.019  1.00 25.95 ? 76  ARG A O   1 
ATOM   594 C CB  . ARG A 1 76 ? 6.619   10.959  -6.280  1.00 26.86 ? 76  ARG A CB  1 
ATOM   595 C CG  . ARG A 1 76 ? 7.357   9.770   -5.709  1.00 37.89 ? 76  ARG A CG  1 
ATOM   596 C CD  . ARG A 1 76 ? 6.860   8.330   -6.132  1.00 48.29 ? 76  ARG A CD  1 
ATOM   597 N NE  . ARG A 1 76 ? 7.885   7.452   -6.683  1.00 50.13 ? 76  ARG A NE  1 
ATOM   598 C CZ  . ARG A 1 76 ? 7.695   6.178   -7.003  1.00 55.11 ? 76  ARG A CZ  1 
ATOM   599 N NH1 . ARG A 1 76 ? 6.544   5.562   -6.796  1.00 51.87 ? 76  ARG A NH1 1 
ATOM   600 N NH2 . ARG A 1 76 ? 8.676   5.502   -7.530  1.00 58.49 ? 76  ARG A NH2 1 
ATOM   601 N N   . ASN A 1 77 ? 4.381   10.640  -3.626  1.00 21.29 ? 77  ASN A N   1 
ATOM   602 C CA  . ASN A 1 77 ? 4.244   10.901  -2.202  1.00 20.13 ? 77  ASN A CA  1 
ATOM   603 C C   . ASN A 1 77 ? 4.799   9.690   -1.440  1.00 19.26 ? 77  ASN A C   1 
ATOM   604 O O   . ASN A 1 77 ? 4.839   8.559   -1.969  1.00 17.89 ? 77  ASN A O   1 
ATOM   605 C CB  . ASN A 1 77 ? 2.822   11.091  -1.813  1.00 20.39 ? 77  ASN A CB  1 
ATOM   606 C CG  . ASN A 1 77 ? 2.151   12.350  -2.487  1.00 28.21 ? 77  ASN A CG  1 
ATOM   607 O OD1 . ASN A 1 77 ? 1.525   12.278  -3.557  1.00 27.35 ? 77  ASN A OD1 1 
ATOM   608 N ND2 . ASN A 1 77 ? 2.243   13.497  -1.789  1.00 29.30 ? 77  ASN A ND2 1 
ATOM   609 N N   . VAL A 1 78 ? 5.241   9.895   -0.219  1.00 18.62 ? 78  VAL A N   1 
ATOM   610 C CA  . VAL A 1 78 ? 5.740   8.843   0.593   1.00 18.59 ? 78  VAL A CA  1 
ATOM   611 C C   . VAL A 1 78 ? 4.969   8.967   1.950   1.00 21.39 ? 78  VAL A C   1 
ATOM   612 O O   . VAL A 1 78 ? 4.922   10.049  2.527   1.00 20.02 ? 78  VAL A O   1 
ATOM   613 C CB  . VAL A 1 78 ? 7.201   8.985   0.996   1.00 20.24 ? 78  VAL A CB  1 
ATOM   614 C CG1 . VAL A 1 78 ? 7.543   7.803   1.817   1.00 18.93 ? 78  VAL A CG1 1 
ATOM   615 C CG2 . VAL A 1 78 ? 8.195   8.941   -0.112  1.00 24.13 ? 78  VAL A CG2 1 
ATOM   616 N N   . PHE A 1 79 ? 4.350   7.874   2.441   1.00 20.16 ? 79  PHE A N   1 
ATOM   617 C CA  . PHE A 1 79 ? 3.616   7.935   3.664   1.00 22.86 ? 79  PHE A CA  1 
ATOM   618 C C   . PHE A 1 79 ? 4.223   6.868   4.564   1.00 24.13 ? 79  PHE A C   1 
ATOM   619 O O   . PHE A 1 79 ? 4.413   5.701   4.143   1.00 23.20 ? 79  PHE A O   1 
ATOM   620 C CB  . PHE A 1 79 ? 2.200   7.616   3.389   1.00 22.21 ? 79  PHE A CB  1 
ATOM   621 C CG  . PHE A 1 79 ? 1.513   8.560   2.460   1.00 21.72 ? 79  PHE A CG  1 
ATOM   622 C CD1 . PHE A 1 79 ? 1.095   9.828   2.897   1.00 26.51 ? 79  PHE A CD1 1 
ATOM   623 C CD2 . PHE A 1 79 ? 1.200   8.163   1.168   1.00 21.35 ? 79  PHE A CD2 1 
ATOM   624 C CE1 . PHE A 1 79 ? 0.373   10.677  2.063   1.00 26.66 ? 79  PHE A CE1 1 
ATOM   625 C CE2 . PHE A 1 79 ? 0.532   9.041   0.299   1.00 25.34 ? 79  PHE A CE2 1 
ATOM   626 C CZ  . PHE A 1 79 ? 0.094   10.285  0.741   1.00 26.11 ? 79  PHE A CZ  1 
ATOM   627 N N   . ASP A 1 80 ? 4.615   7.272   5.762   1.00 24.42 ? 80  ASP A N   1 
ATOM   628 C CA  . ASP A 1 80 ? 5.259   6.369   6.682   1.00 24.84 ? 80  ASP A CA  1 
ATOM   629 C C   . ASP A 1 80 ? 4.354   5.836   7.753   1.00 24.14 ? 80  ASP A C   1 
ATOM   630 O O   . ASP A 1 80 ? 3.353   6.508   8.112   1.00 23.87 ? 80  ASP A O   1 
ATOM   631 C CB  . ASP A 1 80 ? 6.497   6.996   7.260   1.00 26.76 ? 80  ASP A CB  1 
ATOM   632 C CG  . ASP A 1 80 ? 7.627   7.113   6.179   1.00 32.41 ? 80  ASP A CG  1 
ATOM   633 O OD1 . ASP A 1 80 ? 8.553   6.269   6.132   1.00 34.99 ? 80  ASP A OD1 1 
ATOM   634 O OD2 . ASP A 1 80 ? 7.532   8.016   5.332   1.00 35.46 ? 80  ASP A OD2 1 
ATOM   635 N N   . GLU A 1 81 ? 4.664   4.602   8.203   1.00 22.94 ? 81  GLU A N   1 
ATOM   636 C CA  . GLU A 1 81 ? 3.894   3.969   9.264   1.00 22.89 ? 81  GLU A CA  1 
ATOM   637 C C   . GLU A 1 81 ? 2.436   3.844   9.071   1.00 20.24 ? 81  GLU A C   1 
ATOM   638 O O   . GLU A 1 81 ? 1.719   4.127   10.007  1.00 19.66 ? 81  GLU A O   1 
ATOM   639 C CB  . GLU A 1 81 ? 4.011   4.886   10.480  1.00 25.22 ? 81  GLU A CB  1 
ATOM   640 C CG  . GLU A 1 81 ? 5.464   5.223   10.760  1.00 31.24 ? 81  GLU A CG  1 
ATOM   641 C CD  . GLU A 1 81 ? 6.234   4.032   11.232  1.00 37.78 ? 81  GLU A CD  1 
ATOM   642 O OE1 . GLU A 1 81 ? 6.060   3.741   12.432  1.00 43.30 ? 81  GLU A OE1 1 
ATOM   643 O OE2 . GLU A 1 81 ? 6.993   3.398   10.437  1.00 38.84 ? 81  GLU A OE2 1 
ATOM   644 N N   . VAL A 1 82 ? 1.958   3.501   7.880   1.00 17.83 ? 82  VAL A N   1 
ATOM   645 C CA  . VAL A 1 82 ? 0.555   3.584   7.542   1.00 16.89 ? 82  VAL A CA  1 
ATOM   646 C C   . VAL A 1 82 ? -0.271  2.410   8.163   1.00 17.84 ? 82  VAL A C   1 
ATOM   647 O O   . VAL A 1 82 ? -1.381  2.608   8.687   1.00 17.42 ? 82  VAL A O   1 
ATOM   648 C CB  . VAL A 1 82 ? 0.375   3.696   5.997   1.00 16.77 ? 82  VAL A CB  1 
ATOM   649 C CG1 . VAL A 1 82 ? -1.054  3.709   5.658   1.00 15.84 ? 82  VAL A CG1 1 
ATOM   650 C CG2 . VAL A 1 82 ? 1.039   5.045   5.523   1.00 14.73 ? 82  VAL A CG2 1 
ATOM   651 N N   . ILE A 1 83 ? 0.298   1.220   8.125   1.00 17.85 ? 83  ILE A N   1 
ATOM   652 C CA  . ILE A 1 83 ? -0.419  -0.016  8.477   1.00 18.33 ? 83  ILE A CA  1 
ATOM   653 C C   . ILE A 1 83 ? 0.518   -0.803  9.438   1.00 18.99 ? 83  ILE A C   1 
ATOM   654 O O   . ILE A 1 83 ? 1.695   -0.956  9.153   1.00 21.16 ? 83  ILE A O   1 
ATOM   655 C CB  . ILE A 1 83 ? -0.891  -0.902  7.216   1.00 16.68 ? 83  ILE A CB  1 
ATOM   656 C CG1 . ILE A 1 83 ? -1.777  -0.103  6.236   1.00 13.21 ? 83  ILE A CG1 1 
ATOM   657 C CG2 . ILE A 1 83 ? -1.612  -2.220  7.730   1.00 17.21 ? 83  ILE A CG2 1 
ATOM   658 C CD1 . ILE A 1 83 ? -2.066  -0.838  4.871   1.00 8.33  ? 83  ILE A CD1 1 
ATOM   659 N N   . PRO A 1 84 ? -0.002  -1.212  10.632  1.00 20.68 ? 84  PRO A N   1 
ATOM   660 C CA  . PRO A 1 84 ? 0.787   -1.969  11.593  1.00 20.18 ? 84  PRO A CA  1 
ATOM   661 C C   . PRO A 1 84 ? 1.026   -3.401  11.105  1.00 21.17 ? 84  PRO A C   1 
ATOM   662 O O   . PRO A 1 84 ? 0.216   -3.932  10.297  1.00 19.46 ? 84  PRO A O   1 
ATOM   663 C CB  . PRO A 1 84 ? -0.096  -1.954  12.856  1.00 21.67 ? 84  PRO A CB  1 
ATOM   664 C CG  . PRO A 1 84 ? -1.483  -1.478  12.423  1.00 20.63 ? 84  PRO A CG  1 
ATOM   665 C CD  . PRO A 1 84 ? -1.398  -0.948  11.068  1.00 19.96 ? 84  PRO A CD  1 
ATOM   666 N N   . THR A 1 85 ? 2.044   -4.084  11.631  1.00 20.22 ? 85  THR A N   1 
ATOM   667 C CA  . THR A 1 85 ? 2.191   -5.499  11.264  1.00 22.22 ? 85  THR A CA  1 
ATOM   668 C C   . THR A 1 85 ? 0.895   -6.216  11.473  1.00 22.89 ? 85  THR A C   1 
ATOM   669 O O   . THR A 1 85 ? 0.412   -6.936  10.607  1.00 25.72 ? 85  THR A O   1 
ATOM   670 C CB  . THR A 1 85 ? 3.280   -6.175  12.078  1.00 22.69 ? 85  THR A CB  1 
ATOM   671 O OG1 . THR A 1 85 ? 4.483   -5.490  11.835  1.00 22.84 ? 85  THR A OG1 1 
ATOM   672 C CG2 . THR A 1 85 ? 3.551   -7.621  11.572  1.00 23.80 ? 85  THR A CG2 1 
ATOM   673 N N   . ALA A 1 86 ? 0.282   -6.013  12.622  1.00 25.53 ? 86  ALA A N   1 
ATOM   674 C CA  . ALA A 1 86 ? -0.885  -6.797  13.021  1.00 26.72 ? 86  ALA A CA  1 
ATOM   675 C C   . ALA A 1 86 ? -2.090  -6.122  12.421  1.00 27.36 ? 86  ALA A C   1 
ATOM   676 O O   . ALA A 1 86 ? -2.875  -5.510  13.122  1.00 26.97 ? 86  ALA A O   1 
ATOM   677 C CB  . ALA A 1 86 ? -1.012  -6.852  14.532  1.00 27.87 ? 86  ALA A CB  1 
ATOM   678 N N   . PHE A 1 87 ? -2.212  -6.161  11.112  1.00 25.75 ? 87  PHE A N   1 
ATOM   679 C CA  . PHE A 1 87 ? -3.309  -5.434  10.551  1.00 26.47 ? 87  PHE A CA  1 
ATOM   680 C C   . PHE A 1 87 ? -4.594  -6.215  10.672  1.00 27.72 ? 87  PHE A C   1 
ATOM   681 O O   . PHE A 1 87 ? -4.571  -7.442  10.880  1.00 29.09 ? 87  PHE A O   1 
ATOM   682 C CB  . PHE A 1 87 ? -3.041  -5.172  9.082   1.00 24.81 ? 87  PHE A CB  1 
ATOM   683 C CG  . PHE A 1 87 ? -2.475  -6.351  8.321   1.00 23.98 ? 87  PHE A CG  1 
ATOM   684 C CD1 . PHE A 1 87 ? -3.303  -7.226  7.646   1.00 22.57 ? 87  PHE A CD1 1 
ATOM   685 C CD2 . PHE A 1 87 ? -1.124  -6.540  8.228   1.00 19.12 ? 87  PHE A CD2 1 
ATOM   686 C CE1 . PHE A 1 87 ? -2.790  -8.249  6.890   1.00 22.54 ? 87  PHE A CE1 1 
ATOM   687 C CE2 . PHE A 1 87 ? -0.610  -7.547  7.468   1.00 20.31 ? 87  PHE A CE2 1 
ATOM   688 C CZ  . PHE A 1 87 ? -1.434  -8.402  6.807   1.00 24.08 ? 87  PHE A CZ  1 
ATOM   689 N N   . SER A 1 88 ? -5.711  -5.551  10.476  1.00 27.13 ? 88  SER A N   1 
ATOM   690 C CA  . SER A 1 88 ? -6.884  -6.340  10.359  1.00 29.32 ? 88  SER A CA  1 
ATOM   691 C C   . SER A 1 88 ? -7.748  -6.230  9.074   1.00 27.39 ? 88  SER A C   1 
ATOM   692 O O   . SER A 1 88 ? -8.021  -5.157  8.459   1.00 24.42 ? 88  SER A O   1 
ATOM   693 C CB  . SER A 1 88 ? -7.654  -6.394  11.682  1.00 29.80 ? 88  SER A CB  1 
ATOM   694 O OG  . SER A 1 88 ? -8.146  -5.175  12.140  1.00 33.35 ? 88  SER A OG  1 
ATOM   695 N N   . ILE A 1 89 ? -8.120  -7.415  8.656   1.00 27.02 ? 89  ILE A N   1 
ATOM   696 C CA  . ILE A 1 89 ? -8.818  -7.547  7.403   1.00 29.51 ? 89  ILE A CA  1 
ATOM   697 C C   . ILE A 1 89 ? -10.037 -6.698  7.486   1.00 29.00 ? 89  ILE A C   1 
ATOM   698 O O   . ILE A 1 89 ? -10.723 -6.742  8.491   1.00 30.23 ? 89  ILE A O   1 
ATOM   699 C CB  . ILE A 1 89 ? -9.311  -8.991  7.176   1.00 30.37 ? 89  ILE A CB  1 
ATOM   700 C CG1 . ILE A 1 89 ? -8.146  -9.991  7.108   1.00 30.03 ? 89  ILE A CG1 1 
ATOM   701 C CG2 . ILE A 1 89 ? -10.338 -8.989  5.959   1.00 32.34 ? 89  ILE A CG2 1 
ATOM   702 C CD1 . ILE A 1 89 ? -7.087  -9.614  6.279   1.00 29.10 ? 89  ILE A CD1 1 
ATOM   703 N N   . GLY A 1 90 ? -10.322 -5.938  6.434   1.00 28.55 ? 90  GLY A N   1 
ATOM   704 C CA  . GLY A 1 90 ? -11.490 -5.087  6.339   1.00 24.90 ? 90  GLY A CA  1 
ATOM   705 C C   . GLY A 1 90 ? -11.380 -3.759  7.037   1.00 25.26 ? 90  GLY A C   1 
ATOM   706 O O   . GLY A 1 90 ? -12.292 -3.009  6.961   1.00 24.62 ? 90  GLY A O   1 
ATOM   707 N N   . LYS A 1 91 ? -10.282 -3.478  7.745   1.00 23.89 ? 91  LYS A N   1 
ATOM   708 C CA  . LYS A 1 91 ? -10.033 -2.159  8.408   1.00 21.78 ? 91  LYS A CA  1 
ATOM   709 C C   . LYS A 1 91 ? -9.443  -1.121  7.420   1.00 22.43 ? 91  LYS A C   1 
ATOM   710 O O   . LYS A 1 91 ? -8.698  -1.511  6.472   1.00 23.21 ? 91  LYS A O   1 
ATOM   711 C CB  . LYS A 1 91 ? -9.092  -2.357  9.634   1.00 20.68 ? 91  LYS A CB  1 
ATOM   712 C CG  . LYS A 1 91 ? -8.963  -1.066  10.492  1.00 17.68 ? 91  LYS A CG  1 
ATOM   713 C CD  . LYS A 1 91 ? -8.351  -1.248  11.810  1.00 18.18 ? 91  LYS A CD  1 
ATOM   714 C CE  . LYS A 1 91 ? -8.002  0.147   12.368  1.00 19.73 ? 91  LYS A CE  1 
ATOM   715 N NZ  . LYS A 1 91 ? -9.201  0.770   12.977  1.00 13.78 ? 91  LYS A NZ  1 
ATOM   716 N N   . THR A 1 92 ? -9.792  0.146   7.580   1.00 20.44 ? 92  THR A N   1 
ATOM   717 C CA  . THR A 1 92 ? -9.264  1.189   6.726   1.00 20.72 ? 92  THR A CA  1 
ATOM   718 C C   . THR A 1 92 ? -8.170  1.956   7.439   1.00 21.34 ? 92  THR A C   1 
ATOM   719 O O   . THR A 1 92 ? -8.192  2.043   8.646   1.00 20.36 ? 92  THR A O   1 
ATOM   720 C CB  . THR A 1 92 ? -10.340 2.089   6.234   1.00 20.01 ? 92  THR A CB  1 
ATOM   721 O OG1 . THR A 1 92 ? -11.233 1.293   5.456   1.00 23.68 ? 92  THR A OG1 1 
ATOM   722 C CG2 . THR A 1 92 ? -9.839  3.271   5.340   1.00 19.27 ? 92  THR A CG2 1 
ATOM   723 N N   . TYR A 1 93 ? -7.157  2.420   6.680   1.00 21.56 ? 93  TYR A N   1 
ATOM   724 C CA  . TYR A 1 93 ? -5.940  2.989   7.263   1.00 20.74 ? 93  TYR A CA  1 
ATOM   725 C C   . TYR A 1 93 ? -5.623  4.176   6.375   1.00 22.29 ? 93  TYR A C   1 
ATOM   726 O O   . TYR A 1 93 ? -5.837  4.131   5.144   1.00 19.56 ? 93  TYR A O   1 
ATOM   727 C CB  . TYR A 1 93 ? -4.763  2.018   7.236   1.00 18.81 ? 93  TYR A CB  1 
ATOM   728 C CG  . TYR A 1 93 ? -4.902  0.789   8.071   1.00 16.78 ? 93  TYR A CG  1 
ATOM   729 C CD1 . TYR A 1 93 ? -4.532  0.795   9.416   1.00 16.53 ? 93  TYR A CD1 1 
ATOM   730 C CD2 . TYR A 1 93 ? -5.452  -0.390  7.519   1.00 15.69 ? 93  TYR A CD2 1 
ATOM   731 C CE1 . TYR A 1 93 ? -4.706  -0.346  10.229  1.00 17.98 ? 93  TYR A CE1 1 
ATOM   732 C CE2 . TYR A 1 93 ? -5.559  -1.532  8.293   1.00 16.64 ? 93  TYR A CE2 1 
ATOM   733 C CZ  . TYR A 1 93 ? -5.159  -1.502  9.614   1.00 15.73 ? 93  TYR A CZ  1 
ATOM   734 O OH  . TYR A 1 93 ? -5.332  -2.635  10.331  1.00 23.75 ? 93  TYR A OH  1 
ATOM   735 N N   . LYS A 1 94 ? -5.187  5.259   7.038   1.00 23.98 ? 94  LYS A N   1 
ATOM   736 C CA  . LYS A 1 94 ? -5.030  6.563   6.370   1.00 25.40 ? 94  LYS A CA  1 
ATOM   737 C C   . LYS A 1 94 ? -3.757  7.226   6.966   1.00 26.28 ? 94  LYS A C   1 
ATOM   738 O O   . LYS A 1 94 ? -3.588  7.233   8.170   1.00 27.03 ? 94  LYS A O   1 
ATOM   739 C CB  . LYS A 1 94 ? -6.222  7.452   6.579   1.00 25.73 ? 94  LYS A CB  1 
ATOM   740 C CG  . LYS A 1 94 ? -5.902  8.901   6.171   1.00 31.85 ? 94  LYS A CG  1 
ATOM   741 C CD  . LYS A 1 94 ? -7.149  9.724   5.849   1.00 38.85 ? 94  LYS A CD  1 
ATOM   742 C CE  . LYS A 1 94 ? -8.234  8.860   5.186   1.00 42.54 ? 94  LYS A CE  1 
ATOM   743 N NZ  . LYS A 1 94 ? -9.668  9.502   5.120   1.00 45.76 ? 94  LYS A NZ  1 
ATOM   744 N N   . PRO A 1 95 ? -2.871  7.759   6.123   1.00 24.91 ? 95  PRO A N   1 
ATOM   745 C CA  . PRO A 1 95 ? -1.568  8.236   6.540   1.00 24.80 ? 95  PRO A CA  1 
ATOM   746 C C   . PRO A 1 95 ? -1.665  9.608   7.205   1.00 26.54 ? 95  PRO A C   1 
ATOM   747 O O   . PRO A 1 95 ? -2.642  10.296  6.919   1.00 28.36 ? 95  PRO A O   1 
ATOM   748 C CB  . PRO A 1 95 ? -0.796  8.341   5.202   1.00 25.17 ? 95  PRO A CB  1 
ATOM   749 C CG  . PRO A 1 95 ? -1.637  7.710   4.200   1.00 22.98 ? 95  PRO A CG  1 
ATOM   750 C CD  . PRO A 1 95 ? -3.026  7.763   4.652   1.00 25.32 ? 95  PRO A CD  1 
HETATM 751 O O   . HOH B 2 .  ? 11.823  -4.048  -5.717  1.00 18.46 ? 101 HOH A O   1 
HETATM 752 O O   . HOH B 2 .  ? 6.872   -6.484  -4.949  1.00 18.02 ? 102 HOH A O   1 
HETATM 753 O O   . HOH B 2 .  ? 2.914   -0.401  -8.675  1.00 19.18 ? 103 HOH A O   1 
HETATM 754 O O   . HOH B 2 .  ? -7.952  -0.316  -5.093  1.00 26.20 ? 104 HOH A O   1 
HETATM 755 O O   . HOH B 2 .  ? 4.430   -9.159  -5.173  1.00 22.01 ? 105 HOH A O   1 
HETATM 756 O O   . HOH B 2 .  ? 3.462   -2.707  13.826  1.00 23.38 ? 106 HOH A O   1 
HETATM 757 O O   . HOH B 2 .  ? 8.076   1.260   9.397   1.00 25.38 ? 107 HOH A O   1 
HETATM 758 O O   . HOH B 2 .  ? 10.756  -3.506  1.915   1.00 21.51 ? 108 HOH A O   1 
HETATM 759 O O   . HOH B 2 .  ? 4.599   -7.221  -6.864  1.00 31.42 ? 109 HOH A O   1 
HETATM 760 O O   . HOH B 2 .  ? 11.639  2.467   8.771   1.00 25.62 ? 110 HOH A O   1 
HETATM 761 O O   . HOH B 2 .  ? -11.269 9.268   6.997   1.00 25.63 ? 111 HOH A O   1 
HETATM 762 O O   . HOH B 2 .  ? 1.311   10.630  -5.656  1.00 30.67 ? 112 HOH A O   1 
HETATM 763 O O   . HOH B 2 .  ? -2.384  4.193   10.530  1.00 22.07 ? 113 HOH A O   1 
HETATM 764 O O   . HOH B 2 .  ? -9.444  2.415   0.915   1.00 23.48 ? 114 HOH A O   1 
HETATM 765 O O   . HOH B 2 .  ? 9.636   5.615   4.021   1.00 25.56 ? 115 HOH A O   1 
HETATM 766 O O   . HOH B 2 .  ? 2.657   15.220  -4.759  1.00 29.32 ? 116 HOH A O   1 
HETATM 767 O O   . HOH B 2 .  ? -8.643  12.943  -11.948 1.00 34.18 ? 117 HOH A O   1 
HETATM 768 O O   . HOH B 2 .  ? 9.531   -9.227  0.585   1.00 26.72 ? 118 HOH A O   1 
HETATM 769 O O   . HOH B 2 .  ? 1.875   -0.386  -11.000 1.00 27.58 ? 119 HOH A O   1 
HETATM 770 O O   . HOH B 2 .  ? -0.176  -15.997 0.606   1.00 30.80 ? 120 HOH A O   1 
HETATM 771 O O   . HOH B 2 .  ? 8.124   -0.216  15.192  1.00 27.60 ? 121 HOH A O   1 
HETATM 772 O O   . HOH B 2 .  ? -7.663  11.997  -8.439  1.00 33.14 ? 122 HOH A O   1 
HETATM 773 O O   . HOH B 2 .  ? 3.991   -3.332  -10.122 1.00 38.25 ? 123 HOH A O   1 
HETATM 774 O O   . HOH B 2 .  ? 6.231   -10.018 10.976  1.00 26.12 ? 124 HOH A O   1 
HETATM 775 O O   . HOH B 2 .  ? 8.549   -11.390 10.750  1.00 43.87 ? 125 HOH A O   1 
HETATM 776 O O   . HOH B 2 .  ? 0.768   7.445   8.969   1.00 42.53 ? 126 HOH A O   1 
HETATM 777 O O   . HOH B 2 .  ? 3.882   12.529  0.692   1.00 40.28 ? 127 HOH A O   1 
HETATM 778 O O   . HOH B 2 .  ? 18.029  1.728   3.268   1.00 40.98 ? 128 HOH A O   1 
HETATM 779 O O   . HOH B 2 .  ? 1.911   -9.708  -6.613  1.00 34.27 ? 129 HOH A O   1 
HETATM 780 O O   . HOH B 2 .  ? 0.110   -3.331  -11.441 1.00 31.38 ? 130 HOH A O   1 
HETATM 781 O O   . HOH B 2 .  ? -4.873  1.689   12.725  1.00 26.80 ? 131 HOH A O   1 
HETATM 782 O O   . HOH B 2 .  ? -13.097 -0.381  6.173   1.00 28.73 ? 132 HOH A O   1 
HETATM 783 O O   . HOH B 2 .  ? 4.051   -19.117 -6.159  1.00 48.55 ? 133 HOH A O   1 
HETATM 784 O O   . HOH B 2 .  ? 4.675   15.161  -6.095  1.00 38.47 ? 134 HOH A O   1 
HETATM 785 O O   . HOH B 2 .  ? 11.123  -11.685 3.197   1.00 48.89 ? 135 HOH A O   1 
HETATM 786 O O   . HOH B 2 .  ? -6.397  2.924   11.208  1.00 23.82 ? 136 HOH A O   1 
HETATM 787 O O   . HOH B 2 .  ? 14.481  -6.150  -3.235  1.00 45.62 ? 137 HOH A O   1 
HETATM 788 O O   . HOH B 2 .  ? -7.041  11.817  7.029   1.00 62.54 ? 138 HOH A O   1 
HETATM 789 O O   . HOH B 2 .  ? -2.882  16.648  -8.278  1.00 49.38 ? 139 HOH A O   1 
HETATM 790 O O   . HOH B 2 .  ? -6.877  4.972   -7.804  1.00 27.51 ? 140 HOH A O   1 
HETATM 791 O O   . HOH B 2 .  ? -5.746  -7.142  -13.424 1.00 45.20 ? 141 HOH A O   1 
HETATM 792 O O   . HOH B 2 .  ? -6.363  -10.675 -12.839 1.00 48.06 ? 142 HOH A O   1 
HETATM 793 O O   . HOH B 2 .  ? 1.129   -15.576 -3.925  1.00 56.95 ? 143 HOH A O   1 
HETATM 794 O O   . HOH B 2 .  ? -4.877  -2.373  13.094  1.00 26.57 ? 144 HOH A O   1 
HETATM 795 O O   . HOH B 2 .  ? 2.986   -10.225 8.747   1.00 32.39 ? 145 HOH A O   1 
HETATM 796 O O   . HOH B 2 .  ? 2.030   1.916   13.587  1.00 52.12 ? 146 HOH A O   1 
HETATM 797 O O   . HOH B 2 .  ? 14.893  3.557   0.072   1.00 41.21 ? 147 HOH A O   1 
HETATM 798 O O   . HOH B 2 .  ? -2.566  12.837  -15.257 1.00 29.59 ? 148 HOH A O   1 
HETATM 799 O O   . HOH B 2 .  ? -1.928  12.681  5.013   1.00 40.50 ? 149 HOH A O   1 
HETATM 800 O O   . HOH B 2 .  ? -7.155  10.730  3.913   1.00 45.67 ? 150 HOH A O   1 
HETATM 801 O O   . HOH B 2 .  ? -7.070  -9.689  11.226  1.00 40.92 ? 151 HOH A O   1 
HETATM 802 O O   . HOH B 2 .  ? -6.863  0.807   -8.661  1.00 41.16 ? 152 HOH A O   1 
HETATM 803 O O   . HOH B 2 .  ? 3.954   8.262   -13.549 1.00 46.00 ? 153 HOH A O   1 
HETATM 804 O O   . HOH B 2 .  ? 10.762  -15.346 9.150   1.00 65.58 ? 154 HOH A O   1 
HETATM 805 O O   . HOH B 2 .  ? 1.148   -9.961  10.059  1.00 32.37 ? 155 HOH A O   1 
HETATM 806 O O   . HOH B 2 .  ? 1.595   16.361  -2.251  1.00 38.92 ? 156 HOH A O   1 
HETATM 807 O O   . HOH B 2 .  ? -1.388  -10.508 9.863   1.00 33.15 ? 157 HOH A O   1 
HETATM 808 O O   . HOH B 2 .  ? -10.682 19.037  -9.920  1.00 44.13 ? 158 HOH A O   1 
HETATM 809 O O   . HOH B 2 .  ? -1.231  6.828   10.564  1.00 31.58 ? 159 HOH A O   1 
HETATM 810 O O   . HOH B 2 .  ? 12.585  -6.315  1.986   1.00 32.54 ? 160 HOH A O   1 
HETATM 811 O O   . HOH B 2 .  ? -3.477  14.433  3.547   1.00 41.50 ? 161 HOH A O   1 
HETATM 812 O O   . HOH B 2 .  ? 5.934   11.877  4.073   1.00 33.60 ? 162 HOH A O   1 
HETATM 813 O O   . HOH B 2 .  ? -13.504 0.084   2.016   1.00 43.15 ? 163 HOH A O   1 
HETATM 814 O O   . HOH B 2 .  ? -6.400  2.128   -6.795  1.00 27.52 ? 164 HOH A O   1 
HETATM 815 O O   . HOH B 2 .  ? -14.992 -13.849 3.885   1.00 40.24 ? 165 HOH A O   1 
HETATM 816 O O   . HOH B 2 .  ? 9.732   -9.750  5.440   1.00 54.08 ? 166 HOH A O   1 
HETATM 817 O O   . HOH B 2 .  ? 12.942  -16.896 0.735   1.00 38.88 ? 167 HOH A O   1 
HETATM 818 O O   . HOH B 2 .  ? 14.375  0.428   -3.483  1.00 44.54 ? 168 HOH A O   1 
HETATM 819 O O   . HOH B 2 .  ? -1.413  13.407  -3.516  1.00 43.04 ? 169 HOH A O   1 
HETATM 820 O O   . HOH B 2 .  ? -6.849  -4.075  14.019  1.00 35.29 ? 170 HOH A O   1 
HETATM 821 O O   . HOH B 2 .  ? 1.520   -4.647  15.251  1.00 36.63 ? 171 HOH A O   1 
HETATM 822 O O   . HOH B 2 .  ? 4.592   9.733   6.587   1.00 38.41 ? 172 HOH A O   1 
HETATM 823 O O   . HOH B 2 .  ? 14.319  3.500   -4.087  1.00 37.63 ? 173 HOH A O   1 
HETATM 824 O O   . HOH B 2 .  ? -5.256  -10.163 9.304   1.00 43.93 ? 174 HOH A O   1 
HETATM 825 O O   . HOH B 2 .  ? -0.641  11.401  9.196   1.00 49.16 ? 175 HOH A O   1 
HETATM 826 O O   . HOH B 2 .  ? -8.232  5.600   -6.086  1.00 38.68 ? 176 HOH A O   1 
HETATM 827 O O   . HOH B 2 .  ? -8.005  -12.501 4.336   1.00 47.63 ? 177 HOH A O   1 
HETATM 828 O O   . HOH B 2 .  ? 12.245  -5.486  7.066   1.00 46.80 ? 178 HOH A O   1 
HETATM 829 O O   . HOH B 2 .  ? -7.826  -11.139 -9.526  1.00 46.73 ? 179 HOH A O   1 
HETATM 830 O O   . HOH B 2 .  ? -8.946  10.448  1.279   1.00 52.27 ? 180 HOH A O   1 
HETATM 831 O O   . HOH B 2 .  ? -2.803  -9.464  12.023  1.00 40.94 ? 181 HOH A O   1 
# 
